data_3GV9
#
_entry.id   3GV9
#
_cell.length_a   118.166
_cell.length_b   78.329
_cell.length_c   97.711
_cell.angle_alpha   90.000
_cell.angle_beta   116.590
_cell.angle_gamma   90.000
#
_symmetry.space_group_name_H-M   'C 1 2 1'
#
loop_
_entity.id
_entity.type
_entity.pdbx_description
1 polymer Beta-lactamase
2 non-polymer '3-(acetylamino)thiophene-2-carboxylic acid'
3 non-polymer 'PHOSPHATE ION'
4 non-polymer DI(HYDROXYETHYL)ETHER
5 non-polymer 'DIMETHYL SULFOXIDE'
6 water water
#
_entity_poly.entity_id   1
_entity_poly.type   'polypeptide(L)'
_entity_poly.pdbx_seq_one_letter_code
;APQQINDIVHRTITPLIEQQKIPGMAVAVIYQGKPYYFTWGYADIAKKQPVTQQTLFELGSVSKTFTGVLGGDAIARGEI
KLSDPTTKYWPELTAKQWNGITLLHLATYTAGGLPLQVPDEVKSSSDLLRFYQNWQPAWAPGTQRLYANSSIGLFGALAV
KPSGLSFEQAMQTRVFQPLKLNHTWINVPPAEEKNYAWGYREGKAVHVSPGALDAEAYGVKSTIEDMARWVQSNLKPLDI
NEKTLQQGIQLAQSRYWQTGDMYQGLGWEMLDWPVNPDSIINGSDNKIALAARPVKAITPPTPAVRASWVHKTGATGGFG
SYVAFIPEKELGIVMLANKNYPNPARVDAAWQILNALQ
;
_entity_poly.pdbx_strand_id   A,B
#
loop_
_chem_comp.id
_chem_comp.type
_chem_comp.name
_chem_comp.formula
DMS non-polymer 'DIMETHYL SULFOXIDE' 'C2 H6 O S'
GV9 non-polymer '3-(acetylamino)thiophene-2-carboxylic acid' 'C7 H7 N O3 S'
PEG non-polymer DI(HYDROXYETHYL)ETHER 'C4 H10 O3'
PO4 non-polymer 'PHOSPHATE ION' 'O4 P -3'
#
# COMPACT_ATOMS: atom_id res chain seq x y z
N ALA A 1 35.18 7.31 11.11
CA ALA A 1 34.22 6.20 11.36
C ALA A 1 34.66 5.37 12.57
N PRO A 2 33.69 4.76 13.30
CA PRO A 2 34.03 3.83 14.38
C PRO A 2 34.98 2.74 13.88
N GLN A 3 35.95 2.38 14.71
CA GLN A 3 36.95 1.38 14.33
C GLN A 3 36.32 0.05 13.90
N GLN A 4 35.27 -0.36 14.60
CA GLN A 4 34.53 -1.58 14.28
C GLN A 4 34.10 -1.59 12.82
N ILE A 5 33.42 -0.53 12.39
CA ILE A 5 32.98 -0.38 11.00
C ILE A 5 34.17 -0.41 10.04
N ASN A 6 35.19 0.41 10.31
N ASN A 6 35.18 0.42 10.32
CA ASN A 6 36.39 0.46 9.49
CA ASN A 6 36.42 0.47 9.54
C ASN A 6 37.03 -0.90 9.28
C ASN A 6 37.02 -0.91 9.30
N ASP A 7 37.23 -1.63 10.39
CA ASP A 7 37.83 -2.96 10.34
C ASP A 7 37.00 -3.92 9.53
N ILE A 8 35.70 -3.95 9.79
CA ILE A 8 34.76 -4.80 9.07
C ILE A 8 34.79 -4.51 7.56
N VAL A 9 34.70 -3.23 7.20
CA VAL A 9 34.70 -2.83 5.80
C VAL A 9 36.02 -3.15 5.13
N HIS A 10 37.14 -2.74 5.73
CA HIS A 10 38.44 -2.98 5.10
C HIS A 10 38.87 -4.44 4.96
N ARG A 11 38.58 -5.26 5.98
CA ARG A 11 38.94 -6.69 5.90
C ARG A 11 38.17 -7.40 4.80
N THR A 12 37.02 -6.85 4.43
CA THR A 12 36.16 -7.45 3.41
C THR A 12 36.52 -6.94 2.00
N ILE A 13 36.65 -5.63 1.87
CA ILE A 13 36.80 -4.99 0.56
C ILE A 13 38.22 -5.12 -0.02
N THR A 14 39.24 -5.02 0.84
CA THR A 14 40.63 -5.16 0.39
C THR A 14 40.87 -6.43 -0.45
N PRO A 15 40.57 -7.63 0.11
CA PRO A 15 40.78 -8.84 -0.69
C PRO A 15 39.84 -8.96 -1.89
N LEU A 16 38.63 -8.39 -1.80
CA LEU A 16 37.71 -8.36 -2.93
C LEU A 16 38.33 -7.60 -4.10
N ILE A 17 38.77 -6.38 -3.83
CA ILE A 17 39.42 -5.56 -4.85
C ILE A 17 40.59 -6.29 -5.48
N GLU A 18 41.33 -7.03 -4.67
CA GLU A 18 42.51 -7.75 -5.14
C GLU A 18 42.13 -8.97 -5.98
N GLN A 19 41.16 -9.74 -5.47
CA GLN A 19 40.70 -10.93 -6.17
C GLN A 19 40.12 -10.58 -7.53
N GLN A 20 39.35 -9.51 -7.58
CA GLN A 20 38.56 -9.19 -8.77
C GLN A 20 39.26 -8.23 -9.71
N LYS A 21 40.39 -7.70 -9.26
CA LYS A 21 41.17 -6.71 -10.01
C LYS A 21 40.30 -5.50 -10.35
N ILE A 22 39.66 -4.95 -9.33
CA ILE A 22 38.77 -3.80 -9.49
C ILE A 22 39.62 -2.55 -9.49
N PRO A 23 39.55 -1.73 -10.57
CA PRO A 23 40.33 -0.49 -10.65
C PRO A 23 40.00 0.55 -9.57
N GLY A 24 38.70 0.74 -9.31
CA GLY A 24 38.25 1.75 -8.37
C GLY A 24 36.96 1.34 -7.72
N MET A 25 36.81 1.68 -6.44
CA MET A 25 35.61 1.32 -5.71
C MET A 25 35.23 2.36 -4.68
N ALA A 26 33.92 2.53 -4.50
CA ALA A 26 33.40 3.37 -3.43
C ALA A 26 32.35 2.55 -2.69
N VAL A 27 32.40 2.63 -1.36
CA VAL A 27 31.46 1.93 -0.49
C VAL A 27 30.89 2.90 0.55
N ALA A 28 29.58 2.80 0.78
CA ALA A 28 28.94 3.45 1.91
C ALA A 28 28.25 2.41 2.77
N VAL A 29 28.45 2.52 4.08
CA VAL A 29 27.69 1.76 5.05
C VAL A 29 26.77 2.73 5.79
N ILE A 30 25.50 2.34 5.87
CA ILE A 30 24.54 3.07 6.69
C ILE A 30 24.39 2.27 7.96
N TYR A 31 24.80 2.87 9.08
CA TYR A 31 24.76 2.19 10.36
C TYR A 31 23.98 3.04 11.35
N GLN A 32 22.93 2.45 11.92
CA GLN A 32 21.97 3.19 12.75
C GLN A 32 21.60 4.52 12.05
N GLY A 33 21.37 4.46 10.74
CA GLY A 33 20.89 5.62 10.01
C GLY A 33 21.94 6.49 9.35
N LYS A 34 23.12 6.58 9.97
CA LYS A 34 24.18 7.46 9.48
C LYS A 34 24.89 6.80 8.29
N PRO A 35 25.53 7.63 7.42
CA PRO A 35 26.45 7.14 6.41
C PRO A 35 27.94 7.22 6.76
N TYR A 36 28.68 6.20 6.35
CA TYR A 36 30.13 6.17 6.46
C TYR A 36 30.73 5.74 5.13
N TYR A 37 31.70 6.51 4.67
CA TYR A 37 32.22 6.38 3.30
C TYR A 37 33.63 5.86 3.23
N PHE A 38 33.89 5.10 2.18
CA PHE A 38 35.18 4.47 1.95
C PHE A 38 35.44 4.48 0.44
N THR A 39 36.65 4.84 0.05
CA THR A 39 37.04 4.83 -1.37
C THR A 39 38.43 4.21 -1.60
N TRP A 40 38.58 3.58 -2.75
CA TRP A 40 39.82 2.94 -3.18
C TRP A 40 40.05 3.17 -4.67
N GLY A 41 41.31 3.19 -5.07
CA GLY A 41 41.69 3.05 -6.48
C GLY A 41 41.32 4.21 -7.40
N TYR A 42 41.08 3.87 -8.67
CA TYR A 42 41.07 4.84 -9.76
C TYR A 42 39.73 4.93 -10.49
N ALA A 43 39.28 6.17 -10.70
CA ALA A 43 38.14 6.46 -11.56
C ALA A 43 38.58 6.46 -13.03
N ASP A 44 39.82 6.89 -13.26
CA ASP A 44 40.40 6.99 -14.60
C ASP A 44 41.86 6.59 -14.46
N ILE A 45 42.19 5.41 -14.98
CA ILE A 45 43.55 4.86 -14.84
C ILE A 45 44.54 5.70 -15.62
N ALA A 46 44.20 5.97 -16.87
CA ALA A 46 45.03 6.77 -17.78
C ALA A 46 45.44 8.10 -17.16
N LYS A 47 44.46 8.87 -16.69
CA LYS A 47 44.69 10.21 -16.17
C LYS A 47 45.01 10.25 -14.67
N LYS A 48 45.12 9.07 -14.06
CA LYS A 48 45.48 8.92 -12.64
C LYS A 48 44.51 9.65 -11.70
N GLN A 49 43.22 9.59 -12.02
CA GLN A 49 42.19 10.23 -11.21
C GLN A 49 41.66 9.22 -10.19
N PRO A 50 41.76 9.56 -8.89
CA PRO A 50 41.31 8.63 -7.85
C PRO A 50 39.79 8.62 -7.75
N VAL A 51 39.24 7.54 -7.20
CA VAL A 51 37.84 7.51 -6.80
C VAL A 51 37.70 8.40 -5.56
N THR A 52 36.71 9.30 -5.57
CA THR A 52 36.39 10.14 -4.41
C THR A 52 34.90 9.99 -4.08
N GLN A 53 34.43 10.67 -3.04
CA GLN A 53 33.01 10.69 -2.70
C GLN A 53 32.16 11.45 -3.72
N GLN A 54 32.82 12.14 -4.65
CA GLN A 54 32.14 12.86 -5.73
C GLN A 54 32.14 12.14 -7.08
N THR A 55 32.82 10.99 -7.14
CA THR A 55 32.94 10.21 -8.38
C THR A 55 31.60 9.64 -8.81
N LEU A 56 31.24 9.83 -10.08
CA LEU A 56 30.03 9.23 -10.65
C LEU A 56 30.29 7.85 -11.22
N PHE A 57 29.44 6.90 -10.83
CA PHE A 57 29.48 5.53 -11.32
C PHE A 57 28.20 5.25 -12.09
N GLU A 58 28.30 4.47 -13.17
CA GLU A 58 27.11 3.99 -13.86
C GLU A 58 26.47 2.91 -13.00
N LEU A 59 25.21 3.09 -12.64
CA LEU A 59 24.52 2.17 -11.74
C LEU A 59 24.05 0.91 -12.44
N GLY A 60 23.89 1.00 -13.76
CA GLY A 60 23.34 -0.12 -14.52
C GLY A 60 21.95 -0.45 -14.01
N SER A 61 21.69 -1.72 -13.76
CA SER A 61 20.34 -2.18 -13.38
C SER A 61 19.84 -1.70 -12.01
N VAL A 62 20.74 -1.17 -11.18
CA VAL A 62 20.29 -0.51 -9.94
C VAL A 62 19.38 0.70 -10.27
N SER A 63 19.50 1.24 -11.48
CA SER A 63 18.58 2.27 -11.97
C SER A 63 17.11 1.85 -11.90
N LYS A 64 16.86 0.54 -12.01
CA LYS A 64 15.50 0.02 -11.93
C LYS A 64 14.81 0.34 -10.59
N THR A 65 15.59 0.54 -9.53
CA THR A 65 15.00 0.93 -8.24
C THR A 65 14.41 2.34 -8.33
N PHE A 66 15.09 3.23 -9.04
CA PHE A 66 14.57 4.58 -9.25
C PHE A 66 13.32 4.51 -10.11
N THR A 67 13.38 3.74 -11.20
CA THR A 67 12.22 3.53 -12.07
C THR A 67 11.01 3.01 -11.28
N GLY A 68 11.25 2.01 -10.43
CA GLY A 68 10.18 1.43 -9.59
C GLY A 68 9.56 2.44 -8.65
N VAL A 69 10.40 3.24 -8.01
CA VAL A 69 9.93 4.28 -7.10
C VAL A 69 9.20 5.41 -7.86
N LEU A 70 9.70 5.78 -9.02
CA LEU A 70 9.05 6.82 -9.82
C LEU A 70 7.66 6.32 -10.24
N GLY A 71 7.60 5.05 -10.63
CA GLY A 71 6.35 4.39 -10.99
C GLY A 71 5.42 4.39 -9.79
N GLY A 72 5.94 3.96 -8.64
CA GLY A 72 5.19 3.98 -7.39
C GLY A 72 4.59 5.33 -7.09
N ASP A 73 5.38 6.38 -7.31
CA ASP A 73 4.96 7.76 -7.09
C ASP A 73 3.79 8.13 -8.00
N ALA A 74 3.87 7.72 -9.28
CA ALA A 74 2.79 7.97 -10.24
C ALA A 74 1.48 7.30 -9.82
N ILE A 75 1.57 6.09 -9.27
CA ILE A 75 0.42 5.38 -8.69
C ILE A 75 -0.15 6.15 -7.51
N ALA A 76 0.73 6.65 -6.64
CA ALA A 76 0.33 7.40 -5.46
C ALA A 76 -0.40 8.69 -5.84
N ARG A 77 0.05 9.30 -6.94
CA ARG A 77 -0.58 10.50 -7.50
C ARG A 77 -1.92 10.23 -8.17
N GLY A 78 -2.27 8.95 -8.36
CA GLY A 78 -3.49 8.56 -9.09
C GLY A 78 -3.40 8.76 -10.60
N GLU A 79 -2.18 8.85 -11.12
CA GLU A 79 -2.00 9.04 -12.56
C GLU A 79 -2.10 7.72 -13.32
N ILE A 80 -1.63 6.65 -12.69
CA ILE A 80 -1.68 5.31 -13.25
C ILE A 80 -2.08 4.33 -12.15
N LYS A 81 -2.44 3.11 -12.54
CA LYS A 81 -2.47 2.02 -11.57
C LYS A 81 -1.92 0.75 -12.19
N LEU A 82 -1.37 -0.11 -11.35
CA LEU A 82 -0.72 -1.33 -11.80
C LEU A 82 -1.70 -2.32 -12.43
N SER A 83 -2.99 -2.15 -12.13
CA SER A 83 -4.02 -2.98 -12.75
C SER A 83 -4.46 -2.52 -14.16
N ASP A 84 -4.00 -1.35 -14.60
CA ASP A 84 -4.29 -0.84 -15.96
C ASP A 84 -3.69 -1.74 -17.04
N PRO A 85 -4.47 -2.02 -18.11
CA PRO A 85 -3.86 -2.65 -19.29
C PRO A 85 -2.75 -1.77 -19.87
N THR A 86 -1.72 -2.41 -20.42
CA THR A 86 -0.64 -1.69 -21.09
C THR A 86 -1.21 -0.79 -22.20
N THR A 87 -2.24 -1.30 -22.88
CA THR A 87 -2.89 -0.59 -24.00
C THR A 87 -3.57 0.72 -23.58
N LYS A 88 -3.87 0.88 -22.28
CA LYS A 88 -4.44 2.14 -21.82
C LYS A 88 -3.50 3.33 -22.11
N TYR A 89 -2.20 3.09 -22.02
CA TYR A 89 -1.20 4.15 -22.21
C TYR A 89 -0.43 4.06 -23.52
N TRP A 90 -0.56 2.92 -24.20
CA TRP A 90 -0.01 2.77 -25.56
C TRP A 90 -1.10 2.14 -26.43
N PRO A 91 -2.08 2.96 -26.85
CA PRO A 91 -3.26 2.43 -27.55
C PRO A 91 -2.90 1.79 -28.89
N GLU A 92 -1.77 2.20 -29.46
CA GLU A 92 -1.27 1.63 -30.73
C GLU A 92 -0.81 0.18 -30.60
N LEU A 93 -0.77 -0.33 -29.36
CA LEU A 93 -0.41 -1.72 -29.11
C LEU A 93 -1.65 -2.58 -29.24
N THR A 94 -2.14 -2.73 -30.47
CA THR A 94 -3.43 -3.34 -30.73
C THR A 94 -3.36 -4.84 -30.90
N ALA A 95 -2.16 -5.39 -31.05
CA ALA A 95 -1.99 -6.83 -31.24
C ALA A 95 -2.58 -7.60 -30.06
N LYS A 96 -3.21 -8.74 -30.37
CA LYS A 96 -4.05 -9.49 -29.44
C LYS A 96 -3.37 -10.09 -28.21
N GLN A 97 -2.06 -10.35 -28.31
CA GLN A 97 -1.29 -10.90 -27.18
C GLN A 97 -1.19 -9.92 -26.01
N TRP A 98 -1.46 -8.64 -26.29
CA TRP A 98 -1.40 -7.60 -25.27
C TRP A 98 -2.65 -7.52 -24.39
N ASN A 99 -3.71 -8.22 -24.80
CA ASN A 99 -4.89 -8.39 -23.96
CA ASN A 99 -4.89 -8.38 -23.97
C ASN A 99 -4.49 -9.15 -22.71
N GLY A 100 -4.72 -8.55 -21.55
CA GLY A 100 -4.37 -9.18 -20.28
C GLY A 100 -3.01 -8.83 -19.70
N ILE A 101 -2.19 -8.08 -20.45
CA ILE A 101 -0.88 -7.65 -19.95
C ILE A 101 -0.98 -6.25 -19.35
N THR A 102 -0.78 -6.19 -18.04
CA THR A 102 -0.99 -4.96 -17.27
C THR A 102 0.34 -4.31 -16.95
N LEU A 103 0.29 -3.08 -16.44
CA LEU A 103 1.49 -2.39 -15.99
C LEU A 103 2.23 -3.20 -14.92
N LEU A 104 1.49 -3.89 -14.03
CA LEU A 104 2.12 -4.78 -13.03
C LEU A 104 3.04 -5.80 -13.69
N HIS A 105 2.52 -6.46 -14.71
CA HIS A 105 3.30 -7.47 -15.44
C HIS A 105 4.58 -6.86 -16.02
N LEU A 106 4.46 -5.70 -16.65
CA LEU A 106 5.61 -4.99 -17.20
C LEU A 106 6.65 -4.65 -16.11
N ALA A 107 6.17 -4.09 -15.01
CA ALA A 107 7.04 -3.66 -13.91
C ALA A 107 7.77 -4.81 -13.21
N THR A 108 7.20 -6.02 -13.28
CA THR A 108 7.72 -7.15 -12.49
C THR A 108 8.28 -8.30 -13.33
N TYR A 109 8.47 -8.06 -14.62
CA TYR A 109 9.04 -9.04 -15.56
C TYR A 109 8.13 -10.26 -15.78
N THR A 110 6.83 -10.07 -15.59
CA THR A 110 5.90 -11.21 -15.65
C THR A 110 4.89 -11.15 -16.82
N ALA A 111 5.21 -10.35 -17.83
CA ALA A 111 4.35 -10.20 -19.02
C ALA A 111 4.22 -11.47 -19.87
N GLY A 112 5.16 -12.39 -19.73
CA GLY A 112 5.12 -13.65 -20.50
C GLY A 112 6.31 -13.90 -21.38
N GLY A 113 7.47 -13.38 -20.97
CA GLY A 113 8.73 -13.64 -21.68
C GLY A 113 9.24 -12.55 -22.59
N LEU A 114 8.99 -11.28 -22.25
CA LEU A 114 9.68 -10.18 -22.92
C LEU A 114 11.19 -10.35 -22.73
N PRO A 115 12.00 -10.06 -23.77
CA PRO A 115 13.44 -10.39 -23.73
C PRO A 115 14.28 -9.49 -22.82
N LEU A 116 15.43 -10.02 -22.39
CA LEU A 116 16.35 -9.26 -21.53
C LEU A 116 16.68 -7.91 -22.14
N GLN A 117 17.05 -7.90 -23.42
CA GLN A 117 17.39 -6.67 -24.12
C GLN A 117 16.38 -6.35 -25.22
N VAL A 118 16.11 -5.07 -25.41
CA VAL A 118 15.51 -4.59 -26.64
C VAL A 118 16.56 -4.82 -27.74
N PRO A 119 16.16 -5.48 -28.85
CA PRO A 119 17.07 -5.72 -29.98
C PRO A 119 17.82 -4.45 -30.39
N ASP A 120 19.11 -4.58 -30.66
CA ASP A 120 19.99 -3.45 -31.02
C ASP A 120 19.53 -2.79 -32.31
N GLU A 121 18.83 -3.57 -33.13
CA GLU A 121 18.31 -3.17 -34.44
C GLU A 121 17.17 -2.16 -34.32
N VAL A 122 16.61 -2.04 -33.12
CA VAL A 122 15.57 -1.04 -32.86
C VAL A 122 16.27 0.31 -32.71
N LYS A 123 16.03 1.19 -33.68
CA LYS A 123 16.68 2.50 -33.71
C LYS A 123 15.69 3.63 -33.49
N SER A 124 14.48 3.47 -34.02
CA SER A 124 13.46 4.52 -34.01
C SER A 124 12.27 4.14 -33.14
N SER A 125 11.42 5.10 -32.85
CA SER A 125 10.18 4.82 -32.12
C SER A 125 9.23 3.93 -32.92
N SER A 126 9.30 4.02 -34.26
CA SER A 126 8.52 3.12 -35.13
C SER A 126 9.03 1.68 -35.00
N ASP A 127 10.35 1.54 -34.94
CA ASP A 127 11.00 0.23 -34.70
C ASP A 127 10.56 -0.37 -33.36
N LEU A 128 10.44 0.49 -32.35
CA LEU A 128 10.06 0.04 -31.01
C LEU A 128 8.62 -0.47 -30.99
N LEU A 129 7.69 0.29 -31.58
CA LEU A 129 6.29 -0.16 -31.71
C LEU A 129 6.19 -1.52 -32.40
N ARG A 130 6.90 -1.66 -33.52
CA ARG A 130 6.91 -2.89 -34.30
C ARG A 130 7.39 -4.06 -33.45
N PHE A 131 8.46 -3.83 -32.70
CA PHE A 131 9.04 -4.84 -31.84
C PHE A 131 8.00 -5.39 -30.84
N TYR A 132 7.31 -4.49 -30.14
CA TYR A 132 6.34 -4.93 -29.15
C TYR A 132 5.08 -5.53 -29.77
N GLN A 133 4.68 -4.99 -30.92
CA GLN A 133 3.52 -5.50 -31.66
C GLN A 133 3.75 -6.92 -32.18
N ASN A 134 4.98 -7.19 -32.62
CA ASN A 134 5.34 -8.49 -33.18
C ASN A 134 5.83 -9.51 -32.17
N TRP A 135 6.08 -9.05 -30.94
CA TRP A 135 6.58 -9.93 -29.89
C TRP A 135 5.54 -10.99 -29.52
N GLN A 136 5.98 -12.24 -29.49
CA GLN A 136 5.08 -13.34 -29.13
C GLN A 136 5.44 -13.91 -27.75
N PRO A 137 4.49 -13.85 -26.80
CA PRO A 137 4.78 -14.37 -25.47
C PRO A 137 4.93 -15.88 -25.45
N ALA A 138 5.94 -16.35 -24.73
CA ALA A 138 6.10 -17.77 -24.48
C ALA A 138 5.05 -18.26 -23.48
N TRP A 139 4.65 -17.39 -22.54
CA TRP A 139 3.76 -17.79 -21.46
C TRP A 139 2.60 -16.81 -21.23
N ALA A 140 1.55 -17.29 -20.57
CA ALA A 140 0.43 -16.43 -20.17
C ALA A 140 0.93 -15.38 -19.17
N PRO A 141 0.27 -14.19 -19.13
CA PRO A 141 0.66 -13.16 -18.17
C PRO A 141 0.65 -13.67 -16.73
N GLY A 142 1.61 -13.20 -15.93
CA GLY A 142 1.63 -13.51 -14.50
C GLY A 142 1.85 -14.97 -14.15
N THR A 143 2.63 -15.69 -14.97
CA THR A 143 2.94 -17.10 -14.70
C THR A 143 4.45 -17.39 -14.61
N GLN A 144 5.25 -16.67 -15.40
CA GLN A 144 6.71 -16.81 -15.33
C GLN A 144 7.41 -15.46 -15.25
N ARG A 145 8.46 -15.39 -14.44
CA ARG A 145 9.31 -14.21 -14.33
C ARG A 145 10.54 -14.39 -15.18
N LEU A 146 10.81 -13.41 -16.03
CA LEU A 146 12.03 -13.39 -16.81
C LEU A 146 12.62 -11.99 -16.82
N TYR A 147 13.71 -11.80 -16.06
CA TYR A 147 14.33 -10.48 -15.90
C TYR A 147 14.56 -9.84 -17.26
N ALA A 148 14.06 -8.62 -17.45
CA ALA A 148 14.03 -8.00 -18.79
C ALA A 148 14.02 -6.48 -18.76
N ASN A 149 15.00 -5.88 -19.44
CA ASN A 149 15.03 -4.44 -19.64
C ASN A 149 13.85 -3.97 -20.47
N SER A 150 13.44 -4.81 -21.43
CA SER A 150 12.32 -4.50 -22.33
C SER A 150 10.97 -4.52 -21.62
N SER A 151 10.96 -5.03 -20.39
CA SER A 151 9.74 -5.14 -19.59
C SER A 151 9.62 -3.94 -18.63
N ILE A 152 10.52 -3.85 -17.66
CA ILE A 152 10.50 -2.67 -16.76
C ILE A 152 10.77 -1.36 -17.51
N GLY A 153 11.59 -1.42 -18.57
CA GLY A 153 11.85 -0.22 -19.39
C GLY A 153 10.56 0.36 -19.96
N LEU A 154 9.71 -0.51 -20.48
CA LEU A 154 8.43 -0.05 -21.02
C LEU A 154 7.53 0.49 -19.91
N PHE A 155 7.53 -0.21 -18.76
CA PHE A 155 6.77 0.28 -17.60
C PHE A 155 7.15 1.73 -17.29
N GLY A 156 8.45 2.00 -17.20
CA GLY A 156 8.95 3.32 -16.85
C GLY A 156 8.47 4.38 -17.83
N ALA A 157 8.57 4.07 -19.11
CA ALA A 157 8.15 4.99 -20.17
C ALA A 157 6.66 5.28 -20.14
N LEU A 158 5.85 4.28 -19.85
CA LEU A 158 4.40 4.43 -19.86
C LEU A 158 3.88 5.06 -18.56
N ALA A 159 4.56 4.77 -17.45
CA ALA A 159 4.13 5.27 -16.14
C ALA A 159 4.10 6.80 -16.09
N VAL A 160 4.94 7.45 -16.89
CA VAL A 160 5.05 8.91 -16.87
C VAL A 160 4.19 9.60 -17.94
N LYS A 161 3.45 8.82 -18.74
CA LYS A 161 2.62 9.42 -19.80
C LYS A 161 1.57 10.42 -19.30
N PRO A 162 0.72 10.04 -18.30
CA PRO A 162 -0.29 10.98 -17.80
C PRO A 162 0.28 12.30 -17.27
N SER A 163 1.48 12.27 -16.69
CA SER A 163 2.15 13.48 -16.21
C SER A 163 2.44 14.48 -17.34
N GLY A 164 2.70 13.96 -18.54
N GLY A 164 2.70 13.94 -18.54
CA GLY A 164 3.08 14.80 -19.67
CA GLY A 164 3.09 14.75 -19.69
C GLY A 164 4.51 15.28 -19.59
C GLY A 164 4.59 14.98 -19.76
N LEU A 165 5.27 14.69 -18.65
CA LEU A 165 6.70 14.94 -18.52
C LEU A 165 7.49 13.84 -19.21
N SER A 166 8.68 14.18 -19.69
CA SER A 166 9.61 13.17 -20.19
C SER A 166 10.05 12.34 -18.98
N PHE A 167 10.57 11.15 -19.25
CA PHE A 167 11.03 10.28 -18.16
C PHE A 167 12.10 10.97 -17.32
N GLU A 168 13.08 11.59 -17.97
CA GLU A 168 14.13 12.35 -17.26
C GLU A 168 13.55 13.48 -16.41
N GLN A 169 12.64 14.28 -16.98
CA GLN A 169 12.03 15.40 -16.25
C GLN A 169 11.25 14.91 -15.02
N ALA A 170 10.46 13.86 -15.21
CA ALA A 170 9.72 13.26 -14.12
C ALA A 170 10.65 12.78 -13.01
N MET A 171 11.68 12.03 -13.39
CA MET A 171 12.65 11.50 -12.43
C MET A 171 13.32 12.62 -11.64
N GLN A 172 13.80 13.62 -12.36
CA GLN A 172 14.44 14.80 -11.75
C GLN A 172 13.53 15.52 -10.76
N THR A 173 12.31 15.86 -11.19
CA THR A 173 11.42 16.71 -10.38
C THR A 173 10.73 15.95 -9.25
N ARG A 174 10.47 14.66 -9.48
CA ARG A 174 9.65 13.89 -8.56
C ARG A 174 10.45 12.96 -7.66
N VAL A 175 11.69 12.63 -8.03
CA VAL A 175 12.51 11.74 -7.21
C VAL A 175 13.82 12.40 -6.78
N PHE A 176 14.64 12.83 -7.75
CA PHE A 176 15.99 13.33 -7.43
C PHE A 176 15.97 14.61 -6.58
N GLN A 177 15.24 15.60 -7.05
CA GLN A 177 15.18 16.90 -6.39
C GLN A 177 14.61 16.83 -4.96
N PRO A 178 13.43 16.20 -4.77
CA PRO A 178 12.88 16.12 -3.41
C PRO A 178 13.79 15.41 -2.42
N LEU A 179 14.55 14.42 -2.90
CA LEU A 179 15.45 13.66 -2.03
C LEU A 179 16.86 14.28 -1.93
N LYS A 180 17.06 15.40 -2.62
CA LYS A 180 18.33 16.11 -2.61
C LYS A 180 19.47 15.28 -3.20
N LEU A 181 19.14 14.53 -4.26
CA LEU A 181 20.15 13.81 -5.02
C LEU A 181 20.60 14.72 -6.15
N ASN A 182 21.52 15.63 -5.83
CA ASN A 182 21.93 16.68 -6.75
C ASN A 182 23.14 16.30 -7.60
N HIS A 183 23.63 15.08 -7.42
CA HIS A 183 24.72 14.53 -8.23
C HIS A 183 24.32 13.14 -8.71
N THR A 184 23.08 13.03 -9.17
CA THR A 184 22.52 11.82 -9.73
C THR A 184 21.86 12.21 -11.04
N TRP A 185 22.18 11.48 -12.11
CA TRP A 185 21.86 11.93 -13.47
C TRP A 185 21.52 10.77 -14.39
N ILE A 186 20.56 11.01 -15.27
CA ILE A 186 20.30 10.12 -16.40
C ILE A 186 21.26 10.47 -17.55
N ASN A 187 21.42 11.76 -17.78
CA ASN A 187 22.43 12.27 -18.71
C ASN A 187 23.40 13.13 -17.92
N VAL A 188 24.68 12.78 -17.95
CA VAL A 188 25.67 13.51 -17.17
C VAL A 188 25.89 14.89 -17.81
N PRO A 189 25.68 15.98 -17.04
CA PRO A 189 25.92 17.34 -17.57
C PRO A 189 27.40 17.62 -17.79
N PRO A 190 27.74 18.45 -18.81
CA PRO A 190 29.12 18.88 -19.03
C PRO A 190 29.87 19.32 -17.76
N ALA A 191 29.17 20.01 -16.86
CA ALA A 191 29.75 20.48 -15.60
C ALA A 191 30.25 19.36 -14.70
N GLU A 192 29.67 18.18 -14.84
CA GLU A 192 29.96 17.05 -13.96
C GLU A 192 30.86 15.98 -14.61
N GLU A 193 31.24 16.21 -15.87
CA GLU A 193 32.05 15.24 -16.61
C GLU A 193 33.39 14.93 -15.95
N LYS A 194 33.96 15.93 -15.28
CA LYS A 194 35.21 15.78 -14.51
C LYS A 194 35.15 14.64 -13.49
N ASN A 195 33.94 14.37 -12.99
CA ASN A 195 33.74 13.38 -11.92
C ASN A 195 33.28 12.01 -12.44
N TYR A 196 33.02 11.92 -13.73
CA TYR A 196 32.49 10.72 -14.35
C TYR A 196 33.60 9.67 -14.55
N ALA A 197 33.56 8.61 -13.74
CA ALA A 197 34.54 7.53 -13.87
C ALA A 197 34.42 6.84 -15.21
N TRP A 198 35.53 6.31 -15.69
CA TRP A 198 35.49 5.38 -16.80
C TRP A 198 35.21 3.99 -16.25
N GLY A 199 34.43 3.22 -17.00
CA GLY A 199 34.27 1.80 -16.72
C GLY A 199 35.38 1.03 -17.40
N TYR A 200 35.68 -0.17 -16.90
CA TYR A 200 36.75 -0.97 -17.48
C TYR A 200 36.26 -2.38 -17.83
N ARG A 201 36.36 -2.71 -19.11
CA ARG A 201 35.93 -4.00 -19.64
C ARG A 201 37.07 -4.57 -20.50
N GLU A 202 37.56 -5.73 -20.12
CA GLU A 202 38.71 -6.37 -20.77
C GLU A 202 39.87 -5.38 -20.97
N GLY A 203 40.16 -4.61 -19.93
CA GLY A 203 41.23 -3.63 -19.94
C GLY A 203 40.89 -2.29 -20.58
N LYS A 204 39.80 -2.24 -21.35
CA LYS A 204 39.43 -1.04 -22.09
C LYS A 204 38.57 -0.09 -21.25
N ALA A 205 38.82 1.22 -21.39
CA ALA A 205 37.98 2.24 -20.78
C ALA A 205 36.69 2.40 -21.60
N VAL A 206 35.55 2.18 -20.96
CA VAL A 206 34.24 2.24 -21.64
C VAL A 206 33.17 3.01 -20.85
N HIS A 207 32.27 3.66 -21.59
CA HIS A 207 31.04 4.19 -21.02
C HIS A 207 29.85 3.49 -21.69
N VAL A 208 28.71 3.47 -21.00
CA VAL A 208 27.49 2.85 -21.55
C VAL A 208 27.06 3.57 -22.83
N SER A 209 26.70 2.80 -23.85
CA SER A 209 26.25 3.40 -25.12
C SER A 209 24.73 3.63 -25.12
N PRO A 210 24.28 4.61 -25.93
CA PRO A 210 22.84 4.85 -26.07
C PRO A 210 22.09 3.59 -26.51
N GLY A 211 20.90 3.39 -25.97
CA GLY A 211 20.03 2.27 -26.39
C GLY A 211 18.59 2.60 -26.08
N ALA A 212 17.66 1.92 -26.75
CA ALA A 212 16.24 2.07 -26.47
C ALA A 212 15.93 1.74 -25.01
N LEU A 213 15.18 2.63 -24.37
CA LEU A 213 14.74 2.49 -22.98
C LEU A 213 15.91 2.39 -22.00
N ASP A 214 17.05 2.97 -22.38
CA ASP A 214 18.22 2.99 -21.50
C ASP A 214 17.98 3.72 -20.18
N ALA A 215 17.39 4.91 -20.26
CA ALA A 215 17.12 5.70 -19.06
C ALA A 215 16.28 4.93 -18.05
N GLU A 216 15.25 4.26 -18.56
CA GLU A 216 14.27 3.55 -17.76
C GLU A 216 14.83 2.26 -17.15
N ALA A 217 15.74 1.60 -17.86
CA ALA A 217 16.18 0.27 -17.44
C ALA A 217 17.56 0.22 -16.78
N TYR A 218 18.46 1.11 -17.20
CA TYR A 218 19.86 1.02 -16.75
C TYR A 218 20.67 2.30 -16.85
N GLY A 219 20.01 3.45 -16.91
CA GLY A 219 20.69 4.67 -17.32
C GLY A 219 21.08 5.69 -16.28
N VAL A 220 20.97 5.37 -15.00
CA VAL A 220 21.32 6.34 -13.96
C VAL A 220 22.80 6.27 -13.59
N LYS A 221 23.41 7.43 -13.39
CA LYS A 221 24.77 7.53 -12.85
C LYS A 221 24.70 8.33 -11.56
N SER A 222 25.50 7.94 -10.57
CA SER A 222 25.39 8.56 -9.24
C SER A 222 26.68 8.50 -8.44
N THR A 223 26.74 9.30 -7.37
CA THR A 223 27.90 9.27 -6.47
C THR A 223 27.62 8.38 -5.27
N ILE A 224 28.68 8.02 -4.54
CA ILE A 224 28.50 7.21 -3.34
C ILE A 224 27.67 7.95 -2.28
N GLU A 225 27.79 9.28 -2.23
CA GLU A 225 27.04 10.08 -1.26
C GLU A 225 25.56 10.08 -1.57
N ASP A 226 25.20 10.30 -2.84
CA ASP A 226 23.80 10.30 -3.28
C ASP A 226 23.15 8.94 -3.12
N MET A 227 23.91 7.89 -3.41
CA MET A 227 23.41 6.53 -3.23
C MET A 227 23.20 6.17 -1.77
N ALA A 228 24.08 6.66 -0.89
CA ALA A 228 23.82 6.55 0.55
C ALA A 228 22.51 7.22 0.96
N ARG A 229 22.23 8.41 0.42
CA ARG A 229 20.98 9.12 0.70
CA ARG A 229 20.97 9.14 0.69
C ARG A 229 19.78 8.34 0.16
N TRP A 230 19.97 7.69 -0.99
CA TRP A 230 18.94 6.85 -1.61
C TRP A 230 18.61 5.66 -0.69
N VAL A 231 19.65 5.04 -0.12
CA VAL A 231 19.45 3.99 0.87
C VAL A 231 18.71 4.51 2.10
N GLN A 232 19.13 5.67 2.63
CA GLN A 232 18.45 6.25 3.81
C GLN A 232 16.97 6.51 3.56
N SER A 233 16.66 7.01 2.36
CA SER A 233 15.29 7.33 1.97
C SER A 233 14.42 6.07 1.92
N ASN A 234 15.00 4.99 1.39
CA ASN A 234 14.30 3.70 1.31
C ASN A 234 14.21 2.95 2.64
N LEU A 235 15.17 3.20 3.54
CA LEU A 235 15.13 2.67 4.90
C LEU A 235 14.02 3.29 5.75
N LYS A 236 13.80 4.60 5.57
CA LYS A 236 12.83 5.36 6.38
C LYS A 236 11.93 6.22 5.49
N PRO A 237 11.05 5.59 4.69
CA PRO A 237 10.21 6.38 3.78
C PRO A 237 9.31 7.41 4.49
N LEU A 238 9.02 7.17 5.76
CA LEU A 238 8.14 8.03 6.54
C LEU A 238 8.65 9.45 6.74
N ASP A 239 9.98 9.58 6.82
CA ASP A 239 10.61 10.89 7.04
C ASP A 239 10.57 11.78 5.80
N ILE A 240 10.10 11.24 4.68
CA ILE A 240 9.98 12.00 3.44
C ILE A 240 8.72 12.88 3.46
N ASN A 241 8.93 14.17 3.21
CA ASN A 241 7.87 15.18 3.25
C ASN A 241 6.84 15.04 2.14
N GLU A 242 7.31 14.73 0.93
CA GLU A 242 6.43 14.61 -0.23
C GLU A 242 5.64 13.32 -0.16
N LYS A 243 4.36 13.47 0.15
CA LYS A 243 3.47 12.33 0.43
C LYS A 243 3.53 11.23 -0.61
N THR A 244 3.32 11.58 -1.88
CA THR A 244 3.25 10.58 -2.95
C THR A 244 4.57 9.83 -3.14
N LEU A 245 5.68 10.52 -2.90
CA LEU A 245 7.01 9.89 -2.97
C LEU A 245 7.20 8.87 -1.84
N GLN A 246 6.76 9.23 -0.63
CA GLN A 246 6.76 8.33 0.51
C GLN A 246 6.00 7.05 0.19
N GLN A 247 4.80 7.23 -0.36
CA GLN A 247 3.92 6.13 -0.71
C GLN A 247 4.53 5.34 -1.87
N GLY A 248 5.17 6.04 -2.80
CA GLY A 248 5.84 5.39 -3.93
C GLY A 248 6.95 4.44 -3.51
N ILE A 249 7.76 4.87 -2.55
CA ILE A 249 8.83 4.04 -2.02
C ILE A 249 8.26 2.78 -1.37
N GLN A 250 7.21 2.94 -0.56
CA GLN A 250 6.53 1.81 0.06
C GLN A 250 5.93 0.86 -0.98
N LEU A 251 5.35 1.40 -2.04
CA LEU A 251 4.78 0.58 -3.10
C LEU A 251 5.86 -0.24 -3.83
N ALA A 252 7.03 0.37 -4.01
CA ALA A 252 8.18 -0.25 -4.66
C ALA A 252 8.75 -1.44 -3.89
N GLN A 253 8.67 -1.37 -2.56
CA GLN A 253 9.17 -2.44 -1.69
C GLN A 253 8.09 -3.45 -1.30
N SER A 254 6.92 -3.34 -1.92
CA SER A 254 5.84 -4.29 -1.69
C SER A 254 6.13 -5.59 -2.43
N ARG A 255 5.59 -6.69 -1.93
CA ARG A 255 5.86 -8.00 -2.53
C ARG A 255 4.72 -8.45 -3.45
N TYR A 256 5.02 -8.53 -4.74
CA TYR A 256 4.01 -8.81 -5.77
C TYR A 256 4.03 -10.26 -6.24
N TRP A 257 5.20 -10.89 -6.19
CA TRP A 257 5.42 -12.24 -6.69
C TRP A 257 6.48 -12.93 -5.86
N GLN A 258 6.38 -14.25 -5.74
CA GLN A 258 7.43 -15.04 -5.10
C GLN A 258 8.01 -16.06 -6.08
N THR A 259 9.33 -16.18 -6.07
CA THR A 259 10.05 -17.26 -6.77
C THR A 259 11.18 -17.74 -5.86
N GLY A 260 11.16 -19.01 -5.48
CA GLY A 260 12.11 -19.52 -4.50
C GLY A 260 11.99 -18.74 -3.19
N ASP A 261 13.11 -18.24 -2.68
CA ASP A 261 13.12 -17.47 -1.44
C ASP A 261 12.89 -15.97 -1.66
N MET A 262 12.79 -15.56 -2.93
CA MET A 262 12.77 -14.13 -3.27
C MET A 262 11.39 -13.57 -3.64
N TYR A 263 11.19 -12.28 -3.34
CA TYR A 263 9.98 -11.57 -3.69
C TYR A 263 10.31 -10.44 -4.66
N GLN A 264 9.42 -10.22 -5.61
CA GLN A 264 9.61 -9.17 -6.60
C GLN A 264 8.84 -7.92 -6.22
N GLY A 265 9.55 -6.79 -6.12
CA GLY A 265 8.95 -5.50 -5.87
C GLY A 265 8.92 -4.74 -7.17
N LEU A 266 8.82 -3.41 -7.08
CA LEU A 266 9.00 -2.60 -8.28
C LEU A 266 10.45 -2.12 -8.27
N GLY A 267 11.28 -2.75 -9.10
CA GLY A 267 12.72 -2.49 -9.11
C GLY A 267 13.41 -3.26 -8.00
N TRP A 268 13.07 -2.97 -6.75
CA TRP A 268 13.63 -3.71 -5.62
C TRP A 268 13.20 -5.18 -5.64
N GLU A 269 14.07 -6.02 -5.08
CA GLU A 269 13.78 -7.41 -4.78
C GLU A 269 13.99 -7.60 -3.29
N MET A 270 13.21 -8.48 -2.67
CA MET A 270 13.26 -8.63 -1.23
C MET A 270 13.30 -10.10 -0.80
N LEU A 271 13.92 -10.35 0.35
CA LEU A 271 13.83 -11.64 1.03
C LEU A 271 13.51 -11.40 2.50
N ASP A 272 12.87 -12.37 3.15
CA ASP A 272 12.61 -12.27 4.58
C ASP A 272 13.94 -12.20 5.34
N TRP A 273 14.03 -11.29 6.31
CA TRP A 273 15.21 -11.19 7.18
C TRP A 273 14.90 -11.81 8.54
N PRO A 274 15.82 -12.60 9.11
CA PRO A 274 17.16 -12.97 8.62
C PRO A 274 17.15 -13.87 7.38
N VAL A 275 18.12 -13.66 6.51
CA VAL A 275 18.25 -14.42 5.27
C VAL A 275 19.24 -15.55 5.44
N ASN A 276 19.11 -16.56 4.60
CA ASN A 276 20.16 -17.55 4.42
C ASN A 276 21.16 -16.94 3.44
N PRO A 277 22.40 -16.68 3.90
CA PRO A 277 23.40 -16.06 3.03
C PRO A 277 23.56 -16.78 1.69
N ASP A 278 23.42 -18.11 1.71
CA ASP A 278 23.59 -18.89 0.48
C ASP A 278 22.48 -18.62 -0.54
N SER A 279 21.29 -18.25 -0.08
CA SER A 279 20.20 -17.95 -1.00
C SER A 279 20.33 -16.57 -1.67
N ILE A 280 20.87 -15.58 -0.94
CA ILE A 280 21.16 -14.28 -1.58
C ILE A 280 22.42 -14.33 -2.45
N ILE A 281 23.47 -15.00 -1.97
CA ILE A 281 24.73 -15.08 -2.72
C ILE A 281 24.55 -15.91 -3.99
N ASN A 282 24.16 -17.17 -3.84
CA ASN A 282 23.95 -18.06 -5.00
C ASN A 282 22.84 -17.57 -5.94
N GLY A 283 21.75 -17.07 -5.35
CA GLY A 283 20.64 -16.50 -6.12
C GLY A 283 20.98 -15.28 -6.96
N SER A 284 22.07 -14.60 -6.60
CA SER A 284 22.48 -13.39 -7.34
C SER A 284 23.22 -13.73 -8.62
N ASP A 285 23.74 -14.96 -8.69
CA ASP A 285 24.45 -15.40 -9.89
C ASP A 285 23.47 -15.35 -11.05
N ASN A 286 23.94 -14.85 -12.19
CA ASN A 286 23.09 -14.74 -13.39
C ASN A 286 22.50 -16.07 -13.90
N LYS A 287 23.12 -17.19 -13.55
N LYS A 287 23.09 -17.19 -13.52
CA LYS A 287 22.57 -18.52 -13.79
CA LYS A 287 22.54 -18.52 -13.85
C LYS A 287 21.13 -18.58 -13.33
C LYS A 287 21.16 -18.76 -13.22
N ILE A 288 20.88 -18.01 -12.15
CA ILE A 288 19.55 -18.01 -11.52
C ILE A 288 18.82 -16.68 -11.82
N ALA A 289 19.51 -15.56 -11.60
CA ALA A 289 18.90 -14.23 -11.69
C ALA A 289 18.28 -13.89 -13.07
N LEU A 290 18.94 -14.33 -14.13
CA LEU A 290 18.46 -14.11 -15.51
C LEU A 290 17.62 -15.26 -16.08
N ALA A 291 17.40 -16.30 -15.28
CA ALA A 291 16.63 -17.48 -15.71
C ALA A 291 15.13 -17.28 -15.64
N ALA A 292 14.39 -17.90 -16.57
CA ALA A 292 12.92 -17.92 -16.50
C ALA A 292 12.48 -18.86 -15.40
N ARG A 293 11.67 -18.32 -14.49
N ARG A 293 11.68 -18.33 -14.48
CA ARG A 293 11.20 -19.04 -13.32
CA ARG A 293 11.23 -19.09 -13.32
C ARG A 293 9.70 -18.87 -13.10
C ARG A 293 9.73 -18.88 -13.08
N PRO A 294 9.01 -19.95 -12.71
CA PRO A 294 7.59 -19.84 -12.36
C PRO A 294 7.41 -18.94 -11.13
N VAL A 295 6.37 -18.12 -11.14
CA VAL A 295 6.06 -17.24 -10.00
C VAL A 295 4.72 -17.56 -9.35
N LYS A 296 4.66 -17.40 -8.03
CA LYS A 296 3.42 -17.50 -7.30
C LYS A 296 2.91 -16.09 -7.01
N ALA A 297 1.69 -15.79 -7.47
CA ALA A 297 1.08 -14.48 -7.23
C ALA A 297 0.86 -14.24 -5.75
N ILE A 298 1.16 -13.03 -5.31
CA ILE A 298 0.85 -12.63 -3.93
C ILE A 298 -0.41 -11.79 -4.01
N THR A 299 -1.52 -12.38 -3.57
CA THR A 299 -2.86 -11.88 -3.85
C THR A 299 -3.62 -11.55 -2.55
N PRO A 300 -3.64 -10.27 -2.15
CA PRO A 300 -3.04 -9.13 -2.84
C PRO A 300 -1.60 -8.94 -2.34
N PRO A 301 -0.84 -8.02 -2.97
CA PRO A 301 0.57 -7.80 -2.61
C PRO A 301 0.76 -7.46 -1.13
N THR A 302 1.88 -7.88 -0.56
CA THR A 302 2.17 -7.60 0.84
C THR A 302 2.89 -6.26 0.93
N PRO A 303 2.31 -5.30 1.66
CA PRO A 303 2.98 -4.01 1.85
C PRO A 303 4.39 -4.18 2.38
N ALA A 304 5.28 -3.25 2.00
CA ALA A 304 6.70 -3.31 2.40
C ALA A 304 6.87 -3.84 3.82
N VAL A 305 7.56 -4.97 3.92
CA VAL A 305 7.85 -5.61 5.20
C VAL A 305 9.17 -5.07 5.75
N ARG A 306 9.14 -4.51 6.96
CA ARG A 306 10.37 -3.94 7.55
C ARG A 306 11.43 -4.98 7.87
N ALA A 307 10.98 -6.19 8.23
CA ALA A 307 11.90 -7.33 8.42
C ALA A 307 12.28 -7.97 7.08
N SER A 308 12.98 -7.22 6.25
CA SER A 308 13.40 -7.70 4.94
C SER A 308 14.85 -7.38 4.66
N TRP A 309 15.47 -8.20 3.81
CA TRP A 309 16.69 -7.86 3.08
C TRP A 309 16.23 -7.35 1.73
N VAL A 310 16.34 -6.03 1.52
CA VAL A 310 15.94 -5.42 0.26
C VAL A 310 17.22 -5.12 -0.49
N HIS A 311 17.26 -5.44 -1.78
CA HIS A 311 18.51 -5.31 -2.51
C HIS A 311 18.35 -5.21 -4.02
N LYS A 312 19.40 -4.75 -4.69
CA LYS A 312 19.45 -4.78 -6.15
C LYS A 312 20.88 -4.80 -6.64
N THR A 313 21.11 -5.71 -7.56
CA THR A 313 22.36 -5.90 -8.26
C THR A 313 22.30 -5.09 -9.59
N GLY A 314 23.41 -4.57 -10.06
CA GLY A 314 23.37 -3.83 -11.33
C GLY A 314 24.69 -3.73 -12.04
N ALA A 315 24.64 -3.79 -13.38
CA ALA A 315 25.85 -3.76 -14.17
C ALA A 315 25.68 -3.04 -15.50
N THR A 316 26.77 -2.44 -15.96
CA THR A 316 26.91 -2.05 -17.35
C THR A 316 28.14 -2.79 -17.88
N GLY A 317 28.50 -2.55 -19.14
CA GLY A 317 29.71 -3.17 -19.70
C GLY A 317 30.93 -2.94 -18.81
N GLY A 318 31.02 -1.74 -18.25
CA GLY A 318 32.21 -1.34 -17.49
C GLY A 318 32.05 -1.19 -15.98
N PHE A 319 30.85 -1.39 -15.46
CA PHE A 319 30.56 -1.12 -14.03
C PHE A 319 29.81 -2.25 -13.35
N GLY A 320 30.05 -2.42 -12.05
CA GLY A 320 29.26 -3.34 -11.22
C GLY A 320 28.87 -2.69 -9.91
N SER A 321 27.57 -2.72 -9.60
CA SER A 321 27.06 -2.09 -8.37
C SER A 321 26.16 -3.03 -7.60
N TYR A 322 25.97 -2.72 -6.32
CA TYR A 322 25.08 -3.47 -5.44
C TYR A 322 24.59 -2.58 -4.31
N VAL A 323 23.30 -2.68 -4.01
CA VAL A 323 22.71 -1.97 -2.88
C VAL A 323 21.87 -2.97 -2.08
N ALA A 324 22.01 -2.94 -0.77
CA ALA A 324 21.22 -3.79 0.12
C ALA A 324 20.97 -3.07 1.42
N PHE A 325 19.80 -3.32 2.01
CA PHE A 325 19.45 -2.72 3.28
C PHE A 325 18.39 -3.49 4.04
N ILE A 326 18.35 -3.27 5.35
CA ILE A 326 17.44 -3.98 6.25
C ILE A 326 16.73 -2.91 7.09
N PRO A 327 15.49 -2.56 6.69
CA PRO A 327 14.75 -1.47 7.34
C PRO A 327 14.63 -1.64 8.85
N GLU A 328 14.31 -2.86 9.27
CA GLU A 328 14.19 -3.27 10.67
C GLU A 328 15.42 -2.90 11.50
N LYS A 329 16.60 -2.93 10.88
CA LYS A 329 17.86 -2.71 11.57
C LYS A 329 18.47 -1.32 11.38
N GLU A 330 17.91 -0.55 10.44
CA GLU A 330 18.45 0.78 10.05
C GLU A 330 19.86 0.60 9.47
N LEU A 331 20.02 -0.45 8.68
CA LEU A 331 21.33 -0.91 8.25
C LEU A 331 21.35 -1.04 6.74
N GLY A 332 22.43 -0.59 6.11
CA GLY A 332 22.52 -0.69 4.66
C GLY A 332 23.92 -0.56 4.09
N ILE A 333 24.05 -0.86 2.81
CA ILE A 333 25.33 -0.76 2.13
C ILE A 333 25.13 -0.43 0.65
N VAL A 334 26.08 0.34 0.12
CA VAL A 334 26.16 0.61 -1.31
C VAL A 334 27.58 0.25 -1.71
N MET A 335 27.71 -0.54 -2.78
CA MET A 335 29.00 -0.87 -3.37
C MET A 335 29.03 -0.49 -4.84
N LEU A 336 29.90 0.44 -5.22
CA LEU A 336 29.97 0.92 -6.59
C LEU A 336 31.37 0.69 -7.12
N ALA A 337 31.47 0.02 -8.27
CA ALA A 337 32.79 -0.27 -8.87
C ALA A 337 32.78 0.00 -10.36
N ASN A 338 33.95 0.40 -10.88
CA ASN A 338 34.13 0.57 -12.32
C ASN A 338 34.73 -0.67 -13.00
N LYS A 339 34.29 -1.83 -12.53
CA LYS A 339 34.43 -3.09 -13.26
C LYS A 339 33.19 -3.95 -13.02
N ASN A 340 32.69 -4.56 -14.09
CA ASN A 340 31.68 -5.63 -13.97
C ASN A 340 32.39 -6.88 -13.44
N TYR A 341 32.25 -7.13 -12.15
CA TYR A 341 32.76 -8.37 -11.54
C TYR A 341 31.56 -9.15 -10.98
N PRO A 342 31.68 -10.48 -10.86
CA PRO A 342 30.50 -11.32 -10.67
C PRO A 342 29.62 -10.96 -9.47
N ASN A 343 28.29 -11.01 -9.69
CA ASN A 343 27.30 -10.73 -8.63
C ASN A 343 27.54 -11.44 -7.29
N PRO A 344 27.79 -12.77 -7.31
CA PRO A 344 27.97 -13.44 -6.02
C PRO A 344 29.08 -12.88 -5.14
N ALA A 345 30.18 -12.40 -5.75
CA ALA A 345 31.25 -11.72 -5.01
C ALA A 345 30.75 -10.44 -4.33
N ARG A 346 29.89 -9.70 -5.03
CA ARG A 346 29.32 -8.47 -4.49
C ARG A 346 28.46 -8.78 -3.27
N VAL A 347 27.55 -9.72 -3.42
CA VAL A 347 26.60 -10.07 -2.37
C VAL A 347 27.30 -10.70 -1.16
N ASP A 348 28.31 -11.54 -1.43
CA ASP A 348 29.13 -12.17 -0.39
C ASP A 348 29.78 -11.10 0.49
N ALA A 349 30.41 -10.11 -0.13
CA ALA A 349 31.03 -9.01 0.60
C ALA A 349 30.01 -8.21 1.42
N ALA A 350 28.87 -7.89 0.81
CA ALA A 350 27.82 -7.13 1.50
C ALA A 350 27.31 -7.89 2.71
N TRP A 351 27.08 -9.18 2.53
CA TRP A 351 26.60 -10.05 3.61
C TRP A 351 27.55 -10.03 4.79
N GLN A 352 28.83 -10.25 4.52
N GLN A 352 28.84 -10.19 4.53
CA GLN A 352 29.85 -10.29 5.55
CA GLN A 352 29.82 -10.30 5.59
C GLN A 352 29.79 -9.00 6.36
C GLN A 352 30.03 -8.98 6.33
N ILE A 353 29.77 -7.87 5.65
CA ILE A 353 29.77 -6.55 6.29
C ILE A 353 28.51 -6.36 7.16
N LEU A 354 27.33 -6.51 6.56
CA LEU A 354 26.08 -6.28 7.29
C LEU A 354 25.87 -7.29 8.42
N ASN A 355 26.18 -8.56 8.16
CA ASN A 355 26.12 -9.58 9.21
C ASN A 355 26.94 -9.20 10.44
N ALA A 356 28.14 -8.65 10.21
CA ALA A 356 29.04 -8.29 11.31
C ALA A 356 28.52 -7.11 12.14
N LEU A 357 27.68 -6.28 11.52
CA LEU A 357 27.21 -5.05 12.14
C LEU A 357 25.81 -5.15 12.74
N GLN A 358 25.12 -6.26 12.47
CA GLN A 358 23.74 -6.41 12.94
C GLN A 358 23.68 -7.16 14.28
N ALA B 1 -19.86 27.84 13.64
CA ALA B 1 -19.84 27.41 12.21
C ALA B 1 -20.13 28.58 11.26
N PRO B 2 -19.48 28.58 10.08
CA PRO B 2 -19.85 29.50 8.99
C PRO B 2 -21.34 29.49 8.70
N GLN B 3 -21.85 30.64 8.26
CA GLN B 3 -23.26 30.81 7.91
C GLN B 3 -23.77 29.71 6.96
N GLN B 4 -22.98 29.41 5.92
CA GLN B 4 -23.43 28.45 4.90
C GLN B 4 -23.47 27.00 5.38
N ILE B 5 -22.61 26.64 6.34
CA ILE B 5 -22.67 25.31 6.94
C ILE B 5 -23.93 25.20 7.80
N ASN B 6 -24.15 26.18 8.68
CA ASN B 6 -25.36 26.24 9.50
C ASN B 6 -26.61 26.11 8.64
N ASP B 7 -26.65 26.89 7.56
CA ASP B 7 -27.81 26.94 6.67
C ASP B 7 -28.16 25.61 6.02
N ILE B 8 -27.17 24.98 5.37
CA ILE B 8 -27.43 23.72 4.65
C ILE B 8 -27.71 22.55 5.60
N VAL B 9 -27.02 22.52 6.73
CA VAL B 9 -27.28 21.48 7.74
C VAL B 9 -28.71 21.61 8.25
N HIS B 10 -29.06 22.80 8.73
CA HIS B 10 -30.39 23.04 9.30
C HIS B 10 -31.51 22.69 8.31
N ARG B 11 -31.41 23.20 7.08
CA ARG B 11 -32.44 22.95 6.05
C ARG B 11 -32.56 21.49 5.64
N THR B 12 -31.46 20.74 5.76
CA THR B 12 -31.44 19.35 5.33
C THR B 12 -31.83 18.37 6.45
N ILE B 13 -31.17 18.50 7.59
CA ILE B 13 -31.31 17.53 8.67
C ILE B 13 -32.63 17.72 9.42
N THR B 14 -33.05 18.98 9.54
CA THR B 14 -34.22 19.30 10.34
C THR B 14 -35.52 18.66 9.77
N PRO B 15 -35.80 18.80 8.44
CA PRO B 15 -36.95 18.06 7.91
C PRO B 15 -36.76 16.54 7.91
N LEU B 16 -35.50 16.08 7.82
CA LEU B 16 -35.20 14.66 7.92
C LEU B 16 -35.67 14.09 9.26
N ILE B 17 -35.35 14.79 10.35
CA ILE B 17 -35.77 14.41 11.69
C ILE B 17 -37.30 14.32 11.81
N GLU B 18 -38.00 15.27 11.20
CA GLU B 18 -39.46 15.26 11.21
C GLU B 18 -40.06 14.14 10.35
N GLN B 19 -39.57 13.99 9.12
CA GLN B 19 -40.08 12.99 8.19
C GLN B 19 -39.87 11.57 8.70
N GLN B 20 -38.78 11.36 9.44
CA GLN B 20 -38.38 10.02 9.88
C GLN B 20 -38.70 9.75 11.35
N LYS B 21 -39.24 10.76 12.03
CA LYS B 21 -39.58 10.67 13.45
C LYS B 21 -38.38 10.22 14.30
N ILE B 22 -37.25 10.89 14.09
CA ILE B 22 -36.01 10.59 14.80
C ILE B 22 -35.99 11.29 16.16
N PRO B 23 -35.94 10.51 17.25
CA PRO B 23 -35.95 11.08 18.62
C PRO B 23 -34.76 11.99 18.92
N GLY B 24 -33.54 11.52 18.60
CA GLY B 24 -32.33 12.30 18.86
C GLY B 24 -31.33 12.12 17.73
N MET B 25 -30.60 13.19 17.42
CA MET B 25 -29.64 13.16 16.31
C MET B 25 -28.44 14.07 16.57
N ALA B 26 -27.27 13.61 16.17
CA ALA B 26 -26.06 14.41 16.19
C ALA B 26 -25.39 14.35 14.82
N VAL B 27 -24.84 15.49 14.39
CA VAL B 27 -24.23 15.61 13.08
C VAL B 27 -22.93 16.37 13.23
N ALA B 28 -21.88 15.91 12.54
CA ALA B 28 -20.67 16.71 12.42
C ALA B 28 -20.35 16.91 10.95
N VAL B 29 -19.99 18.13 10.60
CA VAL B 29 -19.48 18.43 9.28
C VAL B 29 -18.00 18.78 9.43
N ILE B 30 -17.17 18.10 8.65
CA ILE B 30 -15.77 18.44 8.59
C ILE B 30 -15.63 19.29 7.33
N TYR B 31 -15.20 20.53 7.53
CA TYR B 31 -15.09 21.50 6.44
C TYR B 31 -13.75 22.19 6.51
CA GLN B 32 -11.41 22.40 5.12
C GLN B 32 -10.74 21.89 6.43
N GLY B 33 -11.19 20.71 6.87
CA GLY B 33 -10.64 20.10 8.09
C GLY B 33 -11.49 20.25 9.35
N LYS B 34 -11.82 21.50 9.71
CA LYS B 34 -12.44 21.77 11.01
C LYS B 34 -13.77 21.05 11.20
N PRO B 35 -13.98 20.45 12.39
CA PRO B 35 -15.30 19.90 12.71
C PRO B 35 -16.30 20.97 13.16
N TYR B 36 -17.55 20.81 12.73
CA TYR B 36 -18.65 21.65 13.18
C TYR B 36 -19.81 20.76 13.61
N TYR B 37 -20.35 21.03 14.79
CA TYR B 37 -21.28 20.12 15.45
C TYR B 37 -22.70 20.64 15.55
N PHE B 38 -23.67 19.72 15.49
CA PHE B 38 -25.08 20.05 15.61
C PHE B 38 -25.76 18.92 16.38
N THR B 39 -26.63 19.28 17.32
CA THR B 39 -27.37 18.28 18.11
C THR B 39 -28.87 18.61 18.16
N TRP B 40 -29.70 17.56 18.13
CA TRP B 40 -31.15 17.72 18.23
C TRP B 40 -31.79 16.62 19.07
N GLY B 41 -32.79 17.01 19.85
CA GLY B 41 -33.70 16.05 20.47
C GLY B 41 -33.18 15.30 21.67
N TYR B 42 -33.66 14.08 21.83
CA TYR B 42 -33.44 13.32 23.06
C TYR B 42 -32.65 12.03 22.87
N ALA B 43 -31.61 11.87 23.70
CA ALA B 43 -30.89 10.62 23.84
C ALA B 43 -31.75 9.58 24.58
N ASP B 44 -32.52 10.09 25.55
CA ASP B 44 -33.47 9.30 26.33
C ASP B 44 -34.77 10.08 26.42
N ILE B 45 -35.83 9.57 25.79
CA ILE B 45 -37.13 10.26 25.73
C ILE B 45 -37.80 10.36 27.11
N ALA B 46 -37.96 9.21 27.78
CA ALA B 46 -38.62 9.13 29.09
C ALA B 46 -38.00 10.08 30.13
N LYS B 47 -36.67 10.10 30.19
CA LYS B 47 -35.97 10.97 31.13
C LYS B 47 -35.52 12.28 30.47
N LYS B 48 -36.23 12.65 29.41
CA LYS B 48 -35.99 13.92 28.69
C LYS B 48 -34.51 14.34 28.69
N GLN B 49 -33.62 13.39 28.39
CA GLN B 49 -32.19 13.67 28.34
C GLN B 49 -31.79 14.10 26.94
N PRO B 50 -31.28 15.33 26.81
CA PRO B 50 -31.00 15.87 25.48
C PRO B 50 -29.78 15.19 24.86
N VAL B 51 -29.78 15.07 23.53
CA VAL B 51 -28.59 14.66 22.80
C VAL B 51 -27.55 15.77 22.96
N THR B 52 -26.34 15.39 23.34
CA THR B 52 -25.22 16.34 23.42
C THR B 52 -24.05 15.82 22.58
N GLN B 53 -22.94 16.55 22.59
CA GLN B 53 -21.72 16.13 21.92
C GLN B 53 -20.99 15.03 22.70
N GLN B 54 -21.46 14.75 23.92
N GLN B 54 -21.47 14.77 23.93
CA GLN B 54 -20.91 13.65 24.72
CA GLN B 54 -20.97 13.71 24.80
C GLN B 54 -21.83 12.42 24.76
C GLN B 54 -21.77 12.41 24.66
N THR B 55 -22.92 12.47 23.98
CA THR B 55 -23.82 11.32 23.87
C THR B 55 -23.21 10.19 23.03
N LEU B 56 -23.24 8.98 23.59
CA LEU B 56 -22.79 7.79 22.88
C LEU B 56 -23.93 7.14 22.09
N PHE B 57 -23.68 6.92 20.80
CA PHE B 57 -24.60 6.20 19.91
C PHE B 57 -23.97 4.89 19.46
N GLU B 58 -24.81 3.86 19.25
CA GLU B 58 -24.37 2.60 18.66
C GLU B 58 -24.12 2.82 17.17
N LEU B 59 -22.89 2.59 16.73
CA LEU B 59 -22.51 2.82 15.34
C LEU B 59 -22.99 1.74 14.39
N GLY B 60 -23.34 0.58 14.94
CA GLY B 60 -23.70 -0.58 14.14
C GLY B 60 -22.57 -0.91 13.18
N SER B 61 -22.92 -1.09 11.91
CA SER B 61 -21.94 -1.49 10.89
C SER B 61 -20.85 -0.46 10.54
N VAL B 62 -21.00 0.79 10.97
CA VAL B 62 -19.90 1.76 10.85
C VAL B 62 -18.67 1.27 11.64
N SER B 63 -18.91 0.43 12.64
CA SER B 63 -17.85 -0.30 13.37
C SER B 63 -16.87 -1.05 12.46
N LYS B 64 -17.36 -1.51 11.31
CA LYS B 64 -16.53 -2.25 10.36
C LYS B 64 -15.38 -1.42 9.85
N THR B 65 -15.52 -0.09 9.89
CA THR B 65 -14.42 0.78 9.46
C THR B 65 -13.26 0.73 10.47
N PHE B 66 -13.60 0.64 11.75
CA PHE B 66 -12.59 0.49 12.79
C PHE B 66 -11.90 -0.87 12.65
N THR B 67 -12.68 -1.92 12.38
CA THR B 67 -12.13 -3.26 12.15
C THR B 67 -11.20 -3.29 10.94
N GLY B 68 -11.64 -2.68 9.84
CA GLY B 68 -10.81 -2.61 8.63
C GLY B 68 -9.47 -1.94 8.91
N VAL B 69 -9.53 -0.79 9.57
CA VAL B 69 -8.34 -0.03 9.90
C VAL B 69 -7.43 -0.82 10.84
N LEU B 70 -8.02 -1.47 11.84
CA LEU B 70 -7.25 -2.32 12.75
C LEU B 70 -6.56 -3.47 12.01
N GLY B 71 -7.27 -4.07 11.04
CA GLY B 71 -6.68 -5.11 10.19
C GLY B 71 -5.55 -4.53 9.36
N GLY B 72 -5.76 -3.33 8.83
CA GLY B 72 -4.72 -2.61 8.07
C GLY B 72 -3.47 -2.37 8.91
N ASP B 73 -3.66 -1.94 10.14
CA ASP B 73 -2.55 -1.70 11.08
C ASP B 73 -1.74 -2.98 11.32
N ALA B 74 -2.43 -4.12 11.49
CA ALA B 74 -1.77 -5.42 11.68
C ALA B 74 -0.97 -5.84 10.45
N ILE B 75 -1.48 -5.56 9.25
CA ILE B 75 -0.74 -5.81 8.01
C ILE B 75 0.53 -4.95 7.97
N ALA B 76 0.38 -3.67 8.28
CA ALA B 76 1.49 -2.72 8.32
C ALA B 76 2.56 -3.10 9.35
N ARG B 77 2.12 -3.73 10.44
CA ARG B 77 3.03 -4.29 11.46
C ARG B 77 3.71 -5.59 11.03
N GLY B 78 3.29 -6.13 9.89
CA GLY B 78 3.80 -7.41 9.38
C GLY B 78 3.37 -8.61 10.22
N GLU B 79 2.24 -8.47 10.92
CA GLU B 79 1.71 -9.56 11.74
C GLU B 79 0.82 -10.49 10.92
N ILE B 80 0.14 -9.92 9.93
CA ILE B 80 -0.70 -10.67 8.99
C ILE B 80 -0.55 -10.11 7.58
N LYS B 81 -1.05 -10.87 6.60
CA LYS B 81 -1.22 -10.38 5.24
C LYS B 81 -2.53 -10.90 4.67
N LEU B 82 -3.13 -10.13 3.78
CA LEU B 82 -4.45 -10.48 3.23
C LEU B 82 -4.41 -11.71 2.32
N SER B 83 -3.21 -12.07 1.89
CA SER B 83 -3.03 -13.28 1.09
C SER B 83 -2.94 -14.55 1.95
N ASP B 84 -2.78 -14.41 3.26
CA ASP B 84 -2.77 -15.54 4.20
C ASP B 84 -4.10 -16.31 4.12
N PRO B 85 -4.02 -17.66 4.03
CA PRO B 85 -5.25 -18.45 4.19
C PRO B 85 -5.86 -18.25 5.56
N THR B 86 -7.18 -18.33 5.64
CA THR B 86 -7.91 -18.28 6.92
C THR B 86 -7.37 -19.32 7.91
N THR B 87 -7.01 -20.49 7.39
CA THR B 87 -6.48 -21.59 8.21
C THR B 87 -5.12 -21.31 8.88
N LYS B 88 -4.37 -20.33 8.37
CA LYS B 88 -3.12 -19.92 9.03
C LYS B 88 -3.36 -19.48 10.48
N TYR B 89 -4.46 -18.78 10.72
CA TYR B 89 -4.75 -18.21 12.04
C TYR B 89 -5.85 -18.94 12.79
N TRP B 90 -6.46 -19.92 12.14
CA TRP B 90 -7.41 -20.80 12.79
C TRP B 90 -7.17 -22.23 12.33
N PRO B 91 -6.11 -22.88 12.88
CA PRO B 91 -5.69 -24.18 12.36
C PRO B 91 -6.75 -25.25 12.54
N GLU B 92 -7.66 -25.03 13.50
CA GLU B 92 -8.75 -25.96 13.78
C GLU B 92 -9.84 -25.94 12.69
N LEU B 93 -9.81 -24.92 11.85
CA LEU B 93 -10.75 -24.81 10.72
C LEU B 93 -10.24 -25.69 9.56
N THR B 94 -10.57 -26.97 9.62
CA THR B 94 -9.95 -27.99 8.78
C THR B 94 -10.79 -28.42 7.57
N ALA B 95 -12.08 -28.08 7.58
CA ALA B 95 -13.02 -28.54 6.57
C ALA B 95 -12.62 -28.08 5.16
N LYS B 96 -12.85 -28.93 4.16
CA LYS B 96 -12.26 -28.76 2.82
C LYS B 96 -12.66 -27.49 2.06
N GLN B 97 -13.83 -26.94 2.37
CA GLN B 97 -14.33 -25.74 1.66
C GLN B 97 -13.57 -24.45 1.97
N TRP B 98 -12.71 -24.51 3.00
CA TRP B 98 -11.92 -23.35 3.40
C TRP B 98 -10.57 -23.31 2.70
N ASN B 99 -10.33 -24.30 1.83
CA ASN B 99 -9.10 -24.38 1.06
C ASN B 99 -9.10 -23.39 -0.09
N GLY B 100 -8.58 -22.20 0.17
CA GLY B 100 -8.53 -21.14 -0.83
C GLY B 100 -9.16 -19.86 -0.34
N ILE B 101 -9.85 -19.91 0.79
CA ILE B 101 -10.46 -18.71 1.37
C ILE B 101 -9.44 -17.95 2.23
N THR B 102 -9.09 -16.75 1.82
CA THR B 102 -8.02 -15.98 2.47
C THR B 102 -8.58 -14.86 3.33
N LEU B 103 -7.70 -14.20 4.09
CA LEU B 103 -8.10 -13.08 4.93
C LEU B 103 -8.73 -11.95 4.12
N LEU B 104 -8.23 -11.74 2.90
CA LEU B 104 -8.80 -10.77 1.98
C LEU B 104 -10.27 -11.07 1.76
N HIS B 105 -10.60 -12.34 1.50
CA HIS B 105 -11.97 -12.76 1.26
C HIS B 105 -12.88 -12.46 2.44
N LEU B 106 -12.41 -12.79 3.63
CA LEU B 106 -13.16 -12.54 4.86
C LEU B 106 -13.43 -11.05 5.02
N ALA B 107 -12.39 -10.23 4.84
CA ALA B 107 -12.47 -8.79 5.07
C ALA B 107 -13.40 -8.06 4.10
N THR B 108 -13.58 -8.63 2.91
CA THR B 108 -14.29 -7.94 1.82
C THR B 108 -15.59 -8.63 1.38
N TYR B 109 -16.06 -9.58 2.18
CA TYR B 109 -17.33 -10.30 1.96
C TYR B 109 -17.34 -11.14 0.67
N THR B 110 -16.17 -11.59 0.24
CA THR B 110 -16.03 -12.33 -1.01
C THR B 110 -15.64 -13.80 -0.82
N ALA B 111 -15.90 -14.34 0.38
CA ALA B 111 -15.55 -15.74 0.67
C ALA B 111 -16.42 -16.74 -0.09
N GLY B 112 -17.62 -16.31 -0.49
CA GLY B 112 -18.51 -17.15 -1.27
C GLY B 112 -19.85 -17.40 -0.59
N GLY B 113 -20.37 -16.37 0.07
CA GLY B 113 -21.71 -16.44 0.65
C GLY B 113 -21.75 -16.76 2.14
N LEU B 114 -20.73 -16.33 2.89
CA LEU B 114 -20.86 -16.34 4.34
C LEU B 114 -22.11 -15.52 4.70
N PRO B 115 -22.92 -16.01 5.66
CA PRO B 115 -24.23 -15.40 5.90
C PRO B 115 -24.18 -14.01 6.53
N LEU B 116 -25.17 -13.18 6.18
CA LEU B 116 -25.34 -11.85 6.77
C LEU B 116 -25.11 -11.83 8.29
N GLN B 117 -25.77 -12.74 9.00
CA GLN B 117 -25.66 -12.82 10.45
C GLN B 117 -25.03 -14.15 10.87
N VAL B 118 -24.26 -14.11 11.96
CA VAL B 118 -23.97 -15.31 12.73
C VAL B 118 -25.26 -15.60 13.51
N PRO B 119 -25.77 -16.86 13.42
CA PRO B 119 -27.00 -17.22 14.14
C PRO B 119 -26.97 -16.88 15.62
N ASP B 120 -28.13 -16.47 16.16
CA ASP B 120 -28.27 -16.15 17.58
C ASP B 120 -27.90 -17.33 18.48
N GLU B 121 -28.10 -18.54 17.97
CA GLU B 121 -27.89 -19.76 18.74
C GLU B 121 -26.41 -20.07 18.96
N VAL B 122 -25.55 -19.43 18.18
CA VAL B 122 -24.11 -19.55 18.34
C VAL B 122 -23.68 -18.74 19.57
N LYS B 123 -23.38 -19.43 20.66
CA LYS B 123 -23.00 -18.77 21.90
C LYS B 123 -21.51 -18.97 22.20
N SER B 124 -21.08 -20.22 22.25
CA SER B 124 -19.73 -20.57 22.70
C SER B 124 -18.71 -20.54 21.57
N SER B 125 -17.44 -20.69 21.93
CA SER B 125 -16.36 -20.85 20.95
C SER B 125 -16.52 -22.14 20.15
N SER B 126 -16.95 -23.22 20.82
CA SER B 126 -17.27 -24.48 20.14
C SER B 126 -18.41 -24.32 19.13
N ASP B 127 -19.44 -23.57 19.51
CA ASP B 127 -20.55 -23.23 18.60
C ASP B 127 -20.00 -22.55 17.35
N LEU B 128 -19.11 -21.58 17.55
CA LEU B 128 -18.55 -20.77 16.46
C LEU B 128 -17.74 -21.63 15.48
N LEU B 129 -16.87 -22.48 16.03
CA LEU B 129 -16.12 -23.42 15.21
C LEU B 129 -17.05 -24.28 14.38
N ARG B 130 -18.04 -24.91 15.02
CA ARG B 130 -18.97 -25.77 14.31
C ARG B 130 -19.70 -25.01 13.19
N PHE B 131 -20.11 -23.77 13.48
CA PHE B 131 -20.77 -22.92 12.50
C PHE B 131 -19.95 -22.79 11.21
N TYR B 132 -18.70 -22.35 11.35
CA TYR B 132 -17.80 -22.20 10.20
C TYR B 132 -17.35 -23.52 9.57
N GLN B 133 -17.17 -24.56 10.39
CA GLN B 133 -16.85 -25.90 9.88
C GLN B 133 -17.97 -26.47 9.01
N ASN B 134 -19.21 -26.16 9.37
CA ASN B 134 -20.39 -26.65 8.66
C ASN B 134 -20.84 -25.80 7.47
N TRP B 135 -20.41 -24.56 7.43
CA TRP B 135 -20.83 -23.63 6.37
C TRP B 135 -20.39 -24.12 4.99
N GLN B 136 -21.35 -24.15 4.06
CA GLN B 136 -21.09 -24.53 2.68
C GLN B 136 -21.27 -23.32 1.77
N PRO B 137 -20.24 -23.00 0.97
CA PRO B 137 -20.31 -21.80 0.13
C PRO B 137 -21.33 -21.87 -1.02
N ALA B 138 -21.97 -20.74 -1.29
CA ALA B 138 -22.88 -20.57 -2.41
C ALA B 138 -22.13 -20.36 -3.73
N TRP B 139 -20.94 -19.78 -3.64
CA TRP B 139 -20.07 -19.54 -4.79
C TRP B 139 -18.61 -19.81 -4.43
N ALA B 140 -17.77 -19.86 -5.46
CA ALA B 140 -16.32 -20.00 -5.28
C ALA B 140 -15.76 -18.70 -4.67
N PRO B 141 -14.59 -18.80 -3.99
CA PRO B 141 -13.97 -17.59 -3.43
C PRO B 141 -13.63 -16.54 -4.49
N GLY B 142 -13.88 -15.27 -4.15
CA GLY B 142 -13.46 -14.13 -4.98
C GLY B 142 -14.26 -13.91 -6.24
N THR B 143 -15.53 -14.30 -6.21
CA THR B 143 -16.43 -14.16 -7.37
C THR B 143 -17.66 -13.30 -7.09
N GLN B 144 -18.20 -13.39 -5.88
CA GLN B 144 -19.37 -12.61 -5.47
C GLN B 144 -19.15 -11.88 -4.14
N ARG B 145 -19.67 -10.67 -4.06
CA ARG B 145 -19.72 -9.92 -2.80
C ARG B 145 -21.09 -10.08 -2.16
N LEU B 146 -21.12 -10.60 -0.94
CA LEU B 146 -22.34 -10.67 -0.13
C LEU B 146 -22.07 -10.11 1.25
N TYR B 147 -22.50 -8.86 1.45
CA TYR B 147 -22.32 -8.17 2.72
C TYR B 147 -22.65 -9.11 3.89
N ALA B 148 -21.73 -9.23 4.84
CA ALA B 148 -21.87 -10.27 5.88
C ALA B 148 -21.09 -9.98 7.16
N ASN B 149 -21.80 -10.04 8.29
CA ASN B 149 -21.19 -9.91 9.61
C ASN B 149 -20.29 -11.08 9.93
N SER B 150 -20.68 -12.26 9.43
CA SER B 150 -19.95 -13.50 9.69
C SER B 150 -18.62 -13.54 8.93
N SER B 151 -18.51 -12.66 7.92
CA SER B 151 -17.30 -12.54 7.12
C SER B 151 -16.28 -11.58 7.75
N ILE B 152 -16.58 -10.27 7.75
CA ILE B 152 -15.65 -9.31 8.35
C ILE B 152 -15.46 -9.54 9.85
N GLY B 153 -16.51 -10.03 10.51
CA GLY B 153 -16.42 -10.41 11.93
C GLY B 153 -15.30 -11.40 12.19
N LEU B 154 -15.17 -12.42 11.35
CA LEU B 154 -14.12 -13.42 11.51
C LEU B 154 -12.74 -12.84 11.18
N PHE B 155 -12.67 -12.07 10.09
CA PHE B 155 -11.45 -11.29 9.77
C PHE B 155 -10.92 -10.51 10.97
N GLY B 156 -11.81 -9.78 11.65
CA GLY B 156 -11.41 -9.00 12.82
C GLY B 156 -10.78 -9.86 13.90
N ALA B 157 -11.46 -10.96 14.22
CA ALA B 157 -11.02 -11.90 15.26
C ALA B 157 -9.68 -12.54 14.94
N LEU B 158 -9.47 -12.85 13.67
CA LEU B 158 -8.25 -13.55 13.27
C LEU B 158 -7.10 -12.58 13.12
N ALA B 159 -7.41 -11.35 12.70
CA ALA B 159 -6.40 -10.33 12.44
C ALA B 159 -5.54 -10.02 13.66
N VAL B 160 -6.13 -10.11 14.84
CA VAL B 160 -5.43 -9.74 16.08
C VAL B 160 -4.71 -10.90 16.76
N LYS B 161 -4.81 -12.10 16.17
CA LYS B 161 -4.23 -13.28 16.81
C LYS B 161 -2.70 -13.27 16.97
N PRO B 162 -1.94 -12.92 15.92
CA PRO B 162 -0.49 -12.77 16.11
C PRO B 162 -0.07 -11.82 17.23
N SER B 163 -0.77 -10.69 17.37
CA SER B 163 -0.47 -9.70 18.41
C SER B 163 -0.61 -10.28 19.82
N GLY B 164 -1.49 -11.26 19.97
CA GLY B 164 -1.76 -11.89 21.27
C GLY B 164 -2.74 -11.15 22.13
N LEU B 165 -3.24 -10.01 21.64
CA LEU B 165 -4.19 -9.18 22.37
C LEU B 165 -5.59 -9.58 21.99
N SER B 166 -6.54 -9.40 22.90
CA SER B 166 -7.96 -9.54 22.57
C SER B 166 -8.30 -8.46 21.57
N PHE B 167 -9.38 -8.68 20.82
CA PHE B 167 -9.84 -7.69 19.85
C PHE B 167 -10.06 -6.33 20.50
N GLU B 168 -10.74 -6.30 21.64
CA GLU B 168 -11.02 -5.06 22.35
C GLU B 168 -9.74 -4.31 22.76
N GLN B 169 -8.77 -5.03 23.33
CA GLN B 169 -7.53 -4.39 23.74
C GLN B 169 -6.67 -3.90 22.58
N ALA B 170 -6.63 -4.69 21.49
CA ALA B 170 -5.95 -4.28 20.26
C ALA B 170 -6.58 -3.00 19.70
N MET B 171 -7.91 -2.97 19.63
CA MET B 171 -8.63 -1.80 19.14
C MET B 171 -8.36 -0.57 20.02
N GLN B 172 -8.42 -0.77 21.33
CA GLN B 172 -8.20 0.32 22.27
C GLN B 172 -6.80 0.90 22.13
N THR B 173 -5.79 0.03 22.12
CA THR B 173 -4.40 0.46 22.21
C THR B 173 -3.80 0.86 20.86
N ARG B 174 -4.33 0.29 19.78
CA ARG B 174 -3.75 0.51 18.45
C ARG B 174 -4.53 1.50 17.60
N VAL B 175 -5.80 1.72 17.93
CA VAL B 175 -6.64 2.63 17.16
C VAL B 175 -7.21 3.78 18.01
N PHE B 176 -8.03 3.46 19.02
CA PHE B 176 -8.72 4.51 19.77
C PHE B 176 -7.75 5.49 20.44
N GLN B 177 -6.79 4.95 21.20
CA GLN B 177 -5.85 5.76 21.97
C GLN B 177 -4.93 6.66 21.14
N PRO B 178 -4.21 6.11 20.14
CA PRO B 178 -3.35 7.00 19.33
C PRO B 178 -4.13 8.11 18.63
N LEU B 179 -5.40 7.86 18.32
CA LEU B 179 -6.25 8.87 17.70
C LEU B 179 -7.02 9.72 18.72
N LYS B 180 -6.79 9.42 20.01
CA LYS B 180 -7.38 10.18 21.13
C LYS B 180 -8.91 10.15 21.07
N LEU B 181 -9.44 8.98 20.72
CA LEU B 181 -10.88 8.74 20.73
C LEU B 181 -11.23 8.29 22.14
N ASN B 182 -11.31 9.28 23.04
CA ASN B 182 -11.42 9.04 24.47
C ASN B 182 -12.81 8.61 24.95
N HIS B 183 -13.82 8.83 24.13
CA HIS B 183 -15.20 8.44 24.48
C HIS B 183 -15.77 7.46 23.45
N THR B 184 -14.93 6.51 23.05
CA THR B 184 -15.28 5.51 22.06
C THR B 184 -15.05 4.12 22.67
N TRP B 185 -16.09 3.28 22.66
CA TRP B 185 -16.07 2.02 23.40
C TRP B 185 -16.66 0.82 22.66
N ILE B 186 -16.08 -0.35 22.86
CA ILE B 186 -16.72 -1.62 22.52
C ILE B 186 -17.64 -2.02 23.68
N ASN B 187 -17.14 -1.83 24.90
CA ASN B 187 -17.94 -2.02 26.11
C ASN B 187 -18.02 -0.72 26.89
N VAL B 188 -19.23 -0.18 27.00
CA VAL B 188 -19.44 1.12 27.65
C VAL B 188 -19.28 0.95 29.17
N PRO B 189 -18.31 1.68 29.77
CA PRO B 189 -18.06 1.53 31.20
C PRO B 189 -19.12 2.27 32.03
N PRO B 190 -19.27 1.88 33.31
CA PRO B 190 -20.24 2.50 34.21
C PRO B 190 -20.24 4.04 34.21
N ALA B 191 -19.06 4.66 34.20
CA ALA B 191 -18.96 6.13 34.17
C ALA B 191 -19.56 6.77 32.91
N GLU B 192 -19.68 6.00 31.84
CA GLU B 192 -20.22 6.51 30.58
C GLU B 192 -21.70 6.16 30.38
N GLU B 193 -22.25 5.28 31.22
CA GLU B 193 -23.65 4.84 31.07
C GLU B 193 -24.67 6.00 30.97
N LYS B 194 -24.40 7.07 31.71
CA LYS B 194 -25.27 8.26 31.69
C LYS B 194 -25.31 8.97 30.33
N ASN B 195 -24.27 8.76 29.52
CA ASN B 195 -24.16 9.36 28.20
C ASN B 195 -24.61 8.44 27.05
N TYR B 196 -24.84 7.18 27.37
CA TYR B 196 -25.22 6.18 26.39
C TYR B 196 -26.68 6.33 26.06
N ALA B 197 -26.97 6.84 24.85
CA ALA B 197 -28.34 7.00 24.37
C ALA B 197 -29.07 5.67 24.28
N TRP B 198 -30.38 5.70 24.49
CA TRP B 198 -31.23 4.57 24.14
C TRP B 198 -31.58 4.64 22.66
N GLY B 199 -31.59 3.48 22.01
CA GLY B 199 -32.12 3.36 20.66
C GLY B 199 -33.62 3.16 20.74
N TYR B 200 -34.30 3.37 19.61
CA TYR B 200 -35.76 3.27 19.57
C TYR B 200 -36.27 2.47 18.37
N ARG B 201 -36.89 1.34 18.68
CA ARG B 201 -37.47 0.46 17.68
C ARG B 201 -38.87 0.10 18.14
N GLU B 202 -39.85 0.33 17.26
CA GLU B 202 -41.27 0.08 17.57
C GLU B 202 -41.70 0.76 18.88
N GLY B 203 -41.16 1.96 19.10
CA GLY B 203 -41.48 2.77 20.28
C GLY B 203 -40.86 2.30 21.59
N LYS B 204 -39.99 1.30 21.50
CA LYS B 204 -39.37 0.71 22.68
C LYS B 204 -37.89 1.10 22.74
N ALA B 205 -37.46 1.54 23.91
CA ALA B 205 -36.04 1.84 24.17
C ALA B 205 -35.23 0.55 24.16
N VAL B 206 -34.20 0.51 23.32
CA VAL B 206 -33.37 -0.69 23.17
C VAL B 206 -31.88 -0.37 23.06
N HIS B 207 -31.07 -1.30 23.56
CA HIS B 207 -29.65 -1.35 23.28
C HIS B 207 -29.35 -2.67 22.57
N VAL B 208 -28.25 -2.70 21.81
CA VAL B 208 -27.84 -3.89 21.09
C VAL B 208 -27.56 -5.05 22.05
N SER B 209 -28.01 -6.25 21.69
CA SER B 209 -27.76 -7.46 22.49
C SER B 209 -26.38 -8.04 22.18
N PRO B 210 -25.76 -8.74 23.16
CA PRO B 210 -24.53 -9.48 22.87
C PRO B 210 -24.75 -10.55 21.80
N GLY B 211 -23.75 -10.73 20.95
CA GLY B 211 -23.78 -11.73 19.90
C GLY B 211 -22.37 -12.15 19.56
N ALA B 212 -22.22 -13.31 18.92
CA ALA B 212 -20.92 -13.78 18.49
C ALA B 212 -20.33 -12.77 17.50
N LEU B 213 -19.07 -12.42 17.72
CA LEU B 213 -18.32 -11.49 16.87
C LEU B 213 -18.97 -10.09 16.79
N ASP B 214 -19.73 -9.72 17.83
CA ASP B 214 -20.39 -8.40 17.83
C ASP B 214 -19.41 -7.22 17.82
N ALA B 215 -18.36 -7.30 18.63
CA ALA B 215 -17.35 -6.23 18.68
C ALA B 215 -16.75 -5.97 17.30
N GLU B 216 -16.47 -7.06 16.58
CA GLU B 216 -15.78 -7.03 15.30
C GLU B 216 -16.65 -6.53 14.15
N ALA B 217 -17.95 -6.81 14.21
CA ALA B 217 -18.86 -6.51 13.10
C ALA B 217 -19.74 -5.27 13.30
N TYR B 218 -20.13 -5.00 14.55
CA TYR B 218 -21.13 -3.96 14.81
C TYR B 218 -21.15 -3.40 16.23
N GLY B 219 -20.04 -3.54 16.96
CA GLY B 219 -20.06 -3.32 18.42
C GLY B 219 -19.52 -2.02 18.99
N VAL B 220 -19.18 -1.05 18.15
CA VAL B 220 -18.58 0.18 18.65
C VAL B 220 -19.67 1.20 18.99
N LYS B 221 -19.49 1.89 20.12
CA LYS B 221 -20.32 3.03 20.49
C LYS B 221 -19.41 4.25 20.59
N SER B 222 -19.88 5.39 20.10
CA SER B 222 -19.03 6.58 20.04
C SER B 222 -19.85 7.87 20.09
N THR B 223 -19.16 8.98 20.36
CA THR B 223 -19.76 10.30 20.38
C THR B 223 -19.55 11.00 19.05
N ILE B 224 -20.32 12.07 18.82
CA ILE B 224 -20.14 12.88 17.62
C ILE B 224 -18.74 13.52 17.51
N GLU B 225 -18.15 13.89 18.64
CA GLU B 225 -16.81 14.46 18.66
C GLU B 225 -15.74 13.44 18.25
N ASP B 226 -15.81 12.24 18.80
CA ASP B 226 -14.86 11.18 18.42
C ASP B 226 -15.03 10.76 16.97
N MET B 227 -16.26 10.74 16.48
CA MET B 227 -16.51 10.36 15.10
C MET B 227 -16.02 11.43 14.12
N ALA B 228 -16.11 12.69 14.52
CA ALA B 228 -15.52 13.79 13.75
C ALA B 228 -14.00 13.58 13.64
N ARG B 229 -13.37 13.23 14.76
CA ARG B 229 -11.94 12.92 14.79
CA ARG B 229 -11.94 12.93 14.80
C ARG B 229 -11.60 11.70 13.95
N TRP B 230 -12.49 10.71 13.97
CA TRP B 230 -12.32 9.50 13.16
C TRP B 230 -12.27 9.88 11.68
N VAL B 231 -13.18 10.77 11.27
CA VAL B 231 -13.23 11.25 9.89
C VAL B 231 -11.96 12.05 9.54
N GLN B 232 -11.57 12.96 10.41
CA GLN B 232 -10.33 13.72 10.21
C GLN B 232 -9.12 12.80 10.00
N SER B 233 -9.02 11.76 10.82
CA SER B 233 -7.93 10.77 10.74
C SER B 233 -7.93 10.03 9.40
N ASN B 234 -9.13 9.70 8.91
CA ASN B 234 -9.25 8.99 7.65
C ASN B 234 -9.10 9.92 6.44
N LEU B 235 -9.39 11.21 6.64
CA LEU B 235 -9.18 12.25 5.63
C LEU B 235 -7.70 12.52 5.40
N LYS B 236 -6.93 12.56 6.47
CA LYS B 236 -5.51 12.86 6.39
C LYS B 236 -4.67 11.91 7.24
N PRO B 237 -4.48 10.70 6.76
CA PRO B 237 -3.73 9.68 7.50
C PRO B 237 -2.26 10.06 7.73
N LEU B 238 -1.73 10.98 6.92
CA LEU B 238 -0.33 11.39 7.02
C LEU B 238 -0.03 12.21 8.27
N ASP B 239 -1.05 12.82 8.86
CA ASP B 239 -0.89 13.60 10.08
C ASP B 239 -0.76 12.71 11.33
N ILE B 240 -0.96 11.41 11.12
CA ILE B 240 -0.90 10.42 12.20
C ILE B 240 0.55 10.03 12.49
N ASN B 241 0.96 10.23 13.75
CA ASN B 241 2.32 9.98 14.20
C ASN B 241 2.74 8.52 14.13
N GLU B 242 1.79 7.62 14.43
CA GLU B 242 2.05 6.19 14.48
C GLU B 242 2.07 5.62 13.07
N LYS B 243 3.26 5.19 12.65
CA LYS B 243 3.52 4.75 11.28
C LYS B 243 2.53 3.69 10.79
N THR B 244 2.41 2.59 11.54
CA THR B 244 1.58 1.47 11.10
C THR B 244 0.09 1.83 11.03
N LEU B 245 -0.35 2.72 11.91
CA LEU B 245 -1.73 3.20 11.88
C LEU B 245 -2.01 4.04 10.63
N GLN B 246 -1.06 4.92 10.31
CA GLN B 246 -1.10 5.71 9.09
C GLN B 246 -1.26 4.76 7.89
N GLN B 247 -0.38 3.77 7.82
CA GLN B 247 -0.42 2.78 6.75
C GLN B 247 -1.73 1.97 6.77
N GLY B 248 -2.18 1.60 7.97
CA GLY B 248 -3.44 0.85 8.12
C GLY B 248 -4.66 1.55 7.56
N ILE B 249 -4.74 2.86 7.79
CA ILE B 249 -5.82 3.69 7.25
C ILE B 249 -5.75 3.73 5.71
N GLN B 250 -4.55 3.92 5.18
N GLN B 250 -4.55 3.89 5.18
CA GLN B 250 -4.33 3.89 3.73
CA GLN B 250 -4.33 3.92 3.73
C GLN B 250 -4.78 2.57 3.12
C GLN B 250 -4.70 2.58 3.08
N LEU B 251 -4.39 1.47 3.76
CA LEU B 251 -4.76 0.13 3.29
C LEU B 251 -6.27 -0.13 3.33
N ALA B 252 -6.94 0.40 4.34
CA ALA B 252 -8.39 0.24 4.50
C ALA B 252 -9.20 0.97 3.42
N GLN B 253 -8.61 2.01 2.84
CA GLN B 253 -9.25 2.78 1.76
C GLN B 253 -8.76 2.37 0.37
N SER B 254 -7.92 1.35 0.31
CA SER B 254 -7.47 0.82 -0.97
C SER B 254 -8.62 0.08 -1.64
N ARG B 255 -8.59 0.01 -2.97
CA ARG B 255 -9.67 -0.57 -3.75
C ARG B 255 -9.30 -2.00 -4.15
N TYR B 256 -9.95 -2.98 -3.52
CA TYR B 256 -9.63 -4.40 -3.71
C TYR B 256 -10.52 -5.10 -4.74
N TRP B 257 -11.80 -4.68 -4.79
CA TRP B 257 -12.80 -5.25 -5.68
C TRP B 257 -13.65 -4.13 -6.25
N GLN B 258 -14.19 -4.34 -7.44
CA GLN B 258 -15.18 -3.42 -7.98
C GLN B 258 -16.48 -4.16 -8.31
N THR B 259 -17.60 -3.52 -7.95
CA THR B 259 -18.92 -3.93 -8.41
C THR B 259 -19.66 -2.65 -8.79
N GLY B 260 -20.18 -2.60 -10.01
CA GLY B 260 -20.79 -1.38 -10.53
C GLY B 260 -19.77 -0.24 -10.52
N ASP B 261 -20.14 0.88 -9.91
CA ASP B 261 -19.19 1.97 -9.72
C ASP B 261 -18.67 2.07 -8.28
N MET B 262 -18.88 1.02 -7.49
CA MET B 262 -18.37 0.98 -6.11
C MET B 262 -17.15 0.07 -5.97
N TYR B 263 -16.25 0.46 -5.08
CA TYR B 263 -15.03 -0.30 -4.78
C TYR B 263 -15.05 -0.70 -3.31
N GLN B 264 -14.69 -1.95 -3.02
CA GLN B 264 -14.64 -2.45 -1.65
C GLN B 264 -13.26 -2.28 -1.02
N GLY B 265 -13.21 -1.54 0.07
CA GLY B 265 -11.99 -1.42 0.87
C GLY B 265 -12.08 -2.37 2.05
N LEU B 266 -11.33 -2.07 3.11
CA LEU B 266 -11.49 -2.84 4.35
C LEU B 266 -12.42 -2.02 5.26
N GLY B 267 -13.66 -2.48 5.40
CA GLY B 267 -14.67 -1.71 6.11
C GLY B 267 -15.25 -0.61 5.23
N TRP B 268 -14.41 0.36 4.85
CA TRP B 268 -14.86 1.46 3.98
C TRP B 268 -15.27 0.94 2.61
N GLU B 269 -16.22 1.65 2.01
CA GLU B 269 -16.56 1.50 0.59
C GLU B 269 -16.30 2.84 -0.09
N MET B 270 -15.90 2.80 -1.36
CA MET B 270 -15.48 4.00 -2.09
C MET B 270 -16.06 4.07 -3.50
N LEU B 271 -16.28 5.29 -3.99
CA LEU B 271 -16.59 5.56 -5.40
C LEU B 271 -15.78 6.76 -5.86
N ASP B 272 -15.54 6.85 -7.16
CA ASP B 272 -14.84 8.00 -7.72
C ASP B 272 -15.65 9.28 -7.51
N TRP B 273 -14.98 10.35 -7.12
CA TRP B 273 -15.58 11.67 -7.04
C TRP B 273 -15.26 12.46 -8.31
N PRO B 274 -16.26 13.16 -8.88
CA PRO B 274 -17.64 13.28 -8.43
C PRO B 274 -18.46 12.01 -8.64
N VAL B 275 -19.40 11.78 -7.73
CA VAL B 275 -20.28 10.63 -7.76
C VAL B 275 -21.61 10.97 -8.41
N ASN B 276 -22.26 9.94 -8.94
CA ASN B 276 -23.66 10.02 -9.31
C ASN B 276 -24.47 9.79 -8.03
N PRO B 277 -25.20 10.81 -7.55
CA PRO B 277 -25.93 10.68 -6.27
C PRO B 277 -26.92 9.51 -6.24
N ASP B 278 -27.58 9.23 -7.37
CA ASP B 278 -28.48 8.08 -7.47
C ASP B 278 -27.78 6.80 -7.09
N SER B 279 -26.55 6.66 -7.54
CA SER B 279 -25.77 5.45 -7.33
C SER B 279 -25.55 5.19 -5.84
N ILE B 280 -25.21 6.22 -5.08
CA ILE B 280 -25.00 6.05 -3.64
C ILE B 280 -26.31 6.00 -2.86
N ILE B 281 -27.28 6.84 -3.24
CA ILE B 281 -28.58 6.86 -2.57
C ILE B 281 -29.34 5.55 -2.79
N ASN B 282 -29.59 5.19 -4.05
CA ASN B 282 -30.32 3.97 -4.38
C ASN B 282 -29.55 2.72 -3.96
N GLY B 283 -28.24 2.76 -4.15
CA GLY B 283 -27.36 1.63 -3.84
C GLY B 283 -27.28 1.33 -2.35
N SER B 284 -27.62 2.32 -1.52
CA SER B 284 -27.63 2.12 -0.07
C SER B 284 -28.87 1.38 0.43
N ASP B 285 -29.94 1.35 -0.36
CA ASP B 285 -31.14 0.59 0.05
C ASP B 285 -30.75 -0.86 0.27
N ASN B 286 -31.20 -1.43 1.39
CA ASN B 286 -30.84 -2.80 1.77
C ASN B 286 -31.17 -3.87 0.75
N LYS B 287 -32.22 -3.66 -0.04
CA LYS B 287 -32.55 -4.56 -1.15
C LYS B 287 -31.36 -4.74 -2.09
N ILE B 288 -30.59 -3.66 -2.28
CA ILE B 288 -29.38 -3.68 -3.10
C ILE B 288 -28.13 -4.00 -2.27
N ALA B 289 -27.92 -3.25 -1.20
CA ALA B 289 -26.68 -3.32 -0.40
C ALA B 289 -26.43 -4.68 0.25
N LEU B 290 -27.49 -5.45 0.49
CA LEU B 290 -27.35 -6.76 1.12
C LEU B 290 -27.46 -7.92 0.15
N ALA B 291 -27.71 -7.60 -1.12
CA ALA B 291 -27.82 -8.60 -2.18
C ALA B 291 -26.44 -8.96 -2.72
N ALA B 292 -26.31 -10.20 -3.21
CA ALA B 292 -25.08 -10.63 -3.88
C ALA B 292 -24.85 -9.86 -5.16
N ARG B 293 -23.59 -9.51 -5.42
CA ARG B 293 -23.18 -8.79 -6.63
C ARG B 293 -21.84 -9.36 -7.11
N PRO B 294 -21.67 -9.54 -8.43
CA PRO B 294 -20.41 -10.04 -8.96
C PRO B 294 -19.30 -9.01 -8.81
N VAL B 295 -18.10 -9.48 -8.45
CA VAL B 295 -16.95 -8.61 -8.24
C VAL B 295 -15.87 -8.90 -9.27
N LYS B 296 -15.16 -7.84 -9.68
CA LYS B 296 -13.98 -7.97 -10.52
C LYS B 296 -12.79 -7.58 -9.65
N ALA B 297 -11.84 -8.50 -9.50
CA ALA B 297 -10.64 -8.25 -8.71
C ALA B 297 -9.85 -7.09 -9.29
N ILE B 298 -9.36 -6.22 -8.42
CA ILE B 298 -8.45 -5.17 -8.83
C ILE B 298 -7.07 -5.69 -8.49
N THR B 299 -6.32 -6.08 -9.51
CA THR B 299 -5.04 -6.75 -9.32
C THR B 299 -3.85 -6.02 -9.93
N PRO B 300 -2.99 -5.44 -9.06
CA PRO B 300 -3.15 -5.43 -7.60
C PRO B 300 -4.11 -4.32 -7.18
N PRO B 301 -4.48 -4.28 -5.88
CA PRO B 301 -5.39 -3.23 -5.39
C PRO B 301 -4.86 -1.81 -5.62
N THR B 302 -5.77 -0.89 -5.91
CA THR B 302 -5.40 0.52 -6.08
C THR B 302 -5.28 1.19 -4.72
N PRO B 303 -4.12 1.82 -4.45
CA PRO B 303 -3.97 2.59 -3.21
C PRO B 303 -5.05 3.64 -3.12
N ALA B 304 -5.38 4.03 -1.88
CA ALA B 304 -6.39 5.05 -1.58
C ALA B 304 -6.39 6.24 -2.55
N VAL B 305 -7.49 6.38 -3.29
CA VAL B 305 -7.67 7.48 -4.23
C VAL B 305 -8.26 8.70 -3.51
N ARG B 306 -7.56 9.83 -3.60
N ARG B 306 -7.57 9.84 -3.60
CA ARG B 306 -7.98 11.06 -2.93
CA ARG B 306 -8.01 11.05 -2.91
C ARG B 306 -9.31 11.59 -3.47
C ARG B 306 -9.31 11.62 -3.48
N ALA B 307 -9.48 11.49 -4.79
CA ALA B 307 -10.71 11.93 -5.45
C ALA B 307 -11.77 10.85 -5.32
N SER B 308 -12.19 10.59 -4.08
CA SER B 308 -13.14 9.52 -3.76
C SER B 308 -14.21 10.01 -2.82
N TRP B 309 -15.42 9.49 -3.02
CA TRP B 309 -16.45 9.50 -2.00
C TRP B 309 -16.24 8.20 -1.19
N VAL B 310 -15.89 8.35 0.08
CA VAL B 310 -15.62 7.20 0.95
C VAL B 310 -16.70 7.21 2.03
N HIS B 311 -17.39 6.09 2.22
CA HIS B 311 -18.53 6.07 3.13
C HIS B 311 -18.84 4.70 3.77
N LYS B 312 -19.74 4.73 4.75
CA LYS B 312 -20.27 3.51 5.36
C LYS B 312 -21.57 3.81 6.10
N THR B 313 -22.61 3.02 5.82
CA THR B 313 -23.85 3.03 6.59
C THR B 313 -23.74 2.03 7.73
N GLY B 314 -24.46 2.29 8.81
CA GLY B 314 -24.49 1.34 9.92
C GLY B 314 -25.78 1.45 10.70
N ALA B 315 -26.26 0.31 11.17
CA ALA B 315 -27.45 0.27 12.00
C ALA B 315 -27.38 -0.82 13.04
N THR B 316 -28.11 -0.63 14.13
CA THR B 316 -28.48 -1.70 15.05
C THR B 316 -29.99 -1.66 15.12
N GLY B 317 -30.59 -2.50 15.97
CA GLY B 317 -32.04 -2.48 16.18
C GLY B 317 -32.59 -1.09 16.42
N GLY B 318 -31.87 -0.28 17.20
CA GLY B 318 -32.37 1.04 17.60
C GLY B 318 -31.60 2.26 17.12
N PHE B 319 -30.57 2.07 16.30
CA PHE B 319 -29.74 3.20 15.87
C PHE B 319 -29.50 3.21 14.37
N GLY B 320 -29.27 4.40 13.82
CA GLY B 320 -28.93 4.53 12.41
C GLY B 320 -27.83 5.55 12.24
N SER B 321 -26.74 5.14 11.61
CA SER B 321 -25.55 5.99 11.46
C SER B 321 -25.10 6.07 10.00
N TYR B 322 -24.33 7.11 9.68
CA TYR B 322 -23.71 7.24 8.36
C TYR B 322 -22.49 8.14 8.46
N VAL B 323 -21.46 7.77 7.70
CA VAL B 323 -20.20 8.50 7.64
C VAL B 323 -19.79 8.56 6.18
N ALA B 324 -19.43 9.74 5.70
CA ALA B 324 -18.95 9.93 4.33
C ALA B 324 -17.93 11.06 4.30
N PHE B 325 -16.93 10.95 3.42
CA PHE B 325 -15.91 11.98 3.30
C PHE B 325 -15.23 11.96 1.94
N ILE B 326 -14.62 13.09 1.57
CA ILE B 326 -13.91 13.23 0.31
C ILE B 326 -12.52 13.79 0.63
N PRO B 327 -11.49 12.92 0.65
CA PRO B 327 -10.15 13.36 1.05
C PRO B 327 -9.65 14.55 0.25
N GLU B 328 -9.86 14.54 -1.06
CA GLU B 328 -9.51 15.65 -1.95
C GLU B 328 -9.96 17.02 -1.42
N LYS B 329 -11.21 17.08 -0.97
CA LYS B 329 -11.85 18.33 -0.59
C LYS B 329 -11.74 18.64 0.91
N GLU B 330 -11.04 17.80 1.67
CA GLU B 330 -10.92 17.96 3.12
CA GLU B 330 -10.93 17.95 3.13
C GLU B 330 -12.32 18.12 3.74
N LEU B 331 -13.28 17.36 3.20
CA LEU B 331 -14.69 17.45 3.56
C LEU B 331 -15.25 16.13 4.05
N GLY B 332 -16.13 16.18 5.03
CA GLY B 332 -16.77 14.98 5.54
C GLY B 332 -17.98 15.27 6.39
N ILE B 333 -18.77 14.22 6.61
CA ILE B 333 -19.96 14.30 7.44
C ILE B 333 -20.12 13.03 8.28
N VAL B 334 -20.61 13.21 9.50
CA VAL B 334 -21.04 12.10 10.35
C VAL B 334 -22.48 12.37 10.76
N MET B 335 -23.35 11.38 10.61
CA MET B 335 -24.73 11.50 11.04
C MET B 335 -25.08 10.35 11.97
N LEU B 336 -25.39 10.67 13.23
CA LEU B 336 -25.70 9.66 14.25
C LEU B 336 -27.11 9.86 14.80
N ALA B 337 -27.93 8.81 14.71
CA ALA B 337 -29.33 8.89 15.15
C ALA B 337 -29.71 7.69 16.00
N ASN B 338 -30.57 7.92 17.00
CA ASN B 338 -31.12 6.80 17.79
C ASN B 338 -32.46 6.28 17.24
N LYS B 339 -32.52 6.14 15.92
CA LYS B 339 -33.55 5.36 15.24
C LYS B 339 -32.92 4.78 13.98
N ASN B 340 -33.14 3.50 13.73
CA ASN B 340 -32.73 2.86 12.49
C ASN B 340 -33.66 3.25 11.35
N TYR B 341 -33.45 4.44 10.80
CA TYR B 341 -34.25 4.93 9.66
C TYR B 341 -33.57 4.58 8.34
N PRO B 342 -34.36 4.48 7.23
CA PRO B 342 -33.88 4.00 5.93
C PRO B 342 -32.58 4.61 5.40
N ASN B 343 -31.65 3.75 4.99
CA ASN B 343 -30.35 4.17 4.44
C ASN B 343 -30.40 5.30 3.39
N PRO B 344 -31.30 5.20 2.37
CA PRO B 344 -31.29 6.22 1.31
C PRO B 344 -31.58 7.64 1.81
N ALA B 345 -32.35 7.76 2.90
CA ALA B 345 -32.61 9.04 3.54
C ALA B 345 -31.33 9.63 4.13
N ARG B 346 -30.50 8.78 4.74
CA ARG B 346 -29.22 9.20 5.31
C ARG B 346 -28.29 9.70 4.21
N VAL B 347 -28.16 8.91 3.15
CA VAL B 347 -27.24 9.24 2.06
C VAL B 347 -27.69 10.51 1.33
N ASP B 348 -28.98 10.61 1.02
CA ASP B 348 -29.56 11.78 0.35
C ASP B 348 -29.19 13.06 1.10
N ALA B 349 -29.41 13.06 2.42
CA ALA B 349 -29.12 14.20 3.28
C ALA B 349 -27.64 14.55 3.28
N ALA B 350 -26.80 13.53 3.40
CA ALA B 350 -25.35 13.72 3.43
C ALA B 350 -24.85 14.31 2.11
N TRP B 351 -25.38 13.80 0.99
CA TRP B 351 -25.00 14.33 -0.31
C TRP B 351 -25.44 15.78 -0.51
N GLN B 352 -26.65 16.12 -0.11
CA GLN B 352 -27.12 17.51 -0.17
C GLN B 352 -26.18 18.46 0.56
N ILE B 353 -25.75 18.06 1.75
CA ILE B 353 -24.85 18.85 2.58
C ILE B 353 -23.44 18.96 1.96
N LEU B 354 -22.82 17.83 1.64
CA LEU B 354 -21.46 17.85 1.09
C LEU B 354 -21.37 18.45 -0.31
N ASN B 355 -22.35 18.18 -1.17
CA ASN B 355 -22.39 18.76 -2.50
C ASN B 355 -22.50 20.30 -2.47
N ALA B 356 -23.20 20.81 -1.45
CA ALA B 356 -23.35 22.26 -1.28
C ALA B 356 -22.04 22.92 -0.88
N LEU B 357 -21.22 22.20 -0.13
CA LEU B 357 -20.01 22.74 0.49
C LEU B 357 -18.71 22.48 -0.27
N GLN B 358 -18.76 21.58 -1.25
CA GLN B 358 -17.58 21.28 -2.07
C GLN B 358 -17.30 22.38 -3.08
O11 GV9 C . 21.43 -4.91 -19.42
C10 GV9 C . 22.14 -4.44 -18.56
C12 GV9 C . 22.68 -3.05 -18.66
N9 GV9 C . 22.49 -5.10 -17.45
C3 GV9 C . 22.40 -6.45 -17.32
C4 GV9 C . 22.21 -7.50 -18.23
C5 GV9 C . 22.17 -8.77 -17.65
S1 GV9 C . 22.37 -8.62 -15.93
C2 GV9 C . 22.50 -6.91 -15.93
C6 GV9 C . 22.71 -6.13 -14.68
O7 GV9 C . 22.68 -4.89 -14.77
O8 GV9 C . 22.89 -6.71 -13.60
P PO4 D . -10.48 2.88 -15.51
O1 PO4 D . -11.92 2.65 -15.88
O2 PO4 D . -9.59 2.10 -16.46
O3 PO4 D . -10.15 4.35 -15.62
O4 PO4 D . -10.23 2.40 -14.11
O11 GV9 E . 1.39 12.22 -22.70
C10 GV9 E . 0.26 12.54 -22.34
C12 GV9 E . -0.05 13.96 -21.97
N9 GV9 E . -0.78 11.69 -22.25
C3 GV9 E . -0.72 10.42 -22.71
C4 GV9 E . 0.02 9.82 -23.75
C5 GV9 E . -0.20 8.45 -23.91
S1 GV9 E . -1.35 7.90 -22.73
C2 GV9 E . -1.58 9.45 -21.99
C6 GV9 E . -2.52 9.62 -20.84
O7 GV9 E . -2.57 10.72 -20.25
O8 GV9 E . -3.23 8.66 -20.48
O11 GV9 F . 13.99 4.89 -25.69
O11 GV9 F . 18.64 3.15 -31.51
C10 GV9 F . 13.45 5.18 -26.76
C10 GV9 F . 18.76 3.72 -30.42
C12 GV9 F . 11.96 5.14 -26.94
C12 GV9 F . 19.99 4.53 -30.08
N9 GV9 F . 14.14 5.56 -27.83
N9 GV9 F . 17.83 3.66 -29.47
C3 GV9 F . 14.32 4.68 -28.84
C3 GV9 F . 16.50 3.68 -29.72
C4 GV9 F . 13.43 3.92 -29.61
C4 GV9 F . 15.68 2.88 -30.54
C5 GV9 F . 14.04 3.12 -30.58
C5 GV9 F . 14.32 3.23 -30.52
S1 GV9 F . 15.76 3.34 -30.52
S1 GV9 F . 14.09 4.59 -29.46
C2 GV9 F . 15.74 4.48 -29.22
C2 GV9 F . 15.74 4.74 -29.01
C6 GV9 F . 16.99 5.07 -28.66
C6 GV9 F . 16.22 5.79 -28.06
O7 GV9 F . 16.89 5.85 -27.69
O7 GV9 F . 17.40 5.71 -27.63
O8 GV9 F . 18.09 4.78 -29.18
O8 GV9 F . 15.45 6.72 -27.73
C1 PEG G . 5.10 5.26 -27.32
O1 PEG G . 5.40 6.66 -27.37
C2 PEG G . 5.16 4.78 -25.87
O2 PEG G . 6.40 4.10 -25.62
C3 PEG G . 7.52 4.96 -25.79
C4 PEG G . 8.75 4.35 -25.16
O4 PEG G . 9.58 5.42 -24.67
O11 GV9 H . -26.62 -4.57 13.27
C10 GV9 H . -26.45 -5.23 12.25
C12 GV9 H . -26.50 -6.72 12.31
N9 GV9 H . -26.19 -4.64 11.06
C3 GV9 H . -26.94 -4.82 9.95
C4 GV9 H . -27.72 -5.87 9.45
C5 GV9 H . -28.34 -5.64 8.22
S1 GV9 H . -27.92 -4.05 7.66
C2 GV9 H . -26.94 -3.66 9.01
C6 GV9 H . -26.26 -2.33 9.11
O7 GV9 H . -25.69 -2.04 10.19
O8 GV9 H . -26.28 -1.55 8.14
P PO4 I . 2.76 -0.44 20.08
O1 PO4 I . 1.25 -0.47 19.96
O2 PO4 I . 3.35 -1.50 19.18
O3 PO4 I . 3.30 0.90 19.67
O4 PO4 I . 3.15 -0.72 21.52
P PO4 J . -30.59 -4.08 11.43
O1 PO4 J . -31.85 -4.89 11.58
O2 PO4 J . -30.36 -3.76 9.97
O3 PO4 J . -30.71 -2.79 12.21
O4 PO4 J . -29.42 -4.86 11.98
S DMS K . -11.51 -17.13 16.73
O DMS K . -10.59 -18.65 17.04
C1 DMS K . -12.93 -17.49 15.66
C2 DMS K . -12.37 -16.61 18.24
S DMS L . -31.93 -6.89 8.55
O DMS L . -31.78 -5.11 8.28
C1 DMS L . -31.12 -7.78 7.18
C2 DMS L . -30.92 -7.39 9.97
C1 PEG M . -36.36 18.86 13.51
O1 PEG M . -36.09 18.97 14.91
C2 PEG M . -37.87 18.75 13.24
O2 PEG M . -38.35 19.89 12.49
C3 PEG M . -38.46 19.60 11.08
C4 PEG M . -39.24 20.65 10.32
O4 PEG M . -39.42 20.22 8.96
S DMS N . -31.68 -9.40 1.01
O DMS N . -31.53 -7.59 0.98
C1 DMS N . -30.28 -10.16 0.12
C2 DMS N . -31.31 -10.03 2.68
C1 PEG O . 4.21 -17.70 5.73
O1 PEG O . 3.84 -17.74 4.35
C2 PEG O . 5.49 -16.89 5.89
O2 PEG O . 5.46 -16.15 7.11
C3 PEG O . 5.41 -14.75 6.88
C4 PEG O . 5.87 -14.00 8.12
O4 PEG O . 7.16 -13.43 7.87
#